data_7R9X
#
_entry.id   7R9X
#
_cell.length_a   89.940
_cell.length_b   106.870
_cell.length_c   108.909
_cell.angle_alpha   90.000
_cell.angle_beta   96.252
_cell.angle_gamma   90.000
#
_symmetry.space_group_name_H-M   'I 1 2 1'
#
loop_
_entity.id
_entity.type
_entity.pdbx_description
1 polymer AmbE
2 non-polymer 'IODIDE ION'
3 non-polymer 'SODIUM ION'
4 water water
#
_entity_poly.entity_id   1
_entity_poly.type   'polypeptide(L)'
_entity_poly.pdbx_seq_one_letter_code
;QSNLPEGLDDAYPMTSLQQGMLLQSEASGDPRLLHNVVLHEVHGRLDGELLARAWAILIGRHAILRTGFDLHGGQVPLQW
VHPATAVAAEVPVHDLCGLDGETRRLRLRAWIEEEQATPFDWSRPPLVRLAALALDERRFALGVAEHHSVLDGWSLQSLV
DELLAVYADLLAGVVAREAEAPAVGFRDYVALEREAEANAASALFWLDYLAGARYRPLPGLAEEGPRRMAAVRVDVPADS
LSRLRALAERSGLPLRSLLLAAHGRALCRFSDADEVVTGFVSHGRPEEPGADRLLGLFLNTLPCRLSASVDLLDSARRAF
DYERASLEHRRHPLAAIRRRNRELRLDSLFNFVDFHQDDAAPAGVRHGGILDQVVVDVDVPLAVDFEVAGERLEVGFQYA
AGRFPAERAEALAGAYREALLALLGDPVQPPAAAQAED
;
_entity_poly.pdbx_strand_id   A,B
#
# COMPACT_ATOMS: atom_id res chain seq x y z
N LEU A 4 25.92 14.57 27.45
CA LEU A 4 24.75 15.26 26.90
C LEU A 4 24.37 16.47 27.76
N PRO A 5 24.38 17.66 27.18
CA PRO A 5 24.11 18.88 27.99
C PRO A 5 22.65 19.00 28.36
N GLU A 6 22.41 19.72 29.47
CA GLU A 6 21.04 20.03 29.87
C GLU A 6 20.47 21.13 28.98
N GLY A 7 19.16 21.14 28.88
CA GLY A 7 18.44 22.19 28.18
C GLY A 7 17.91 21.78 26.84
N LEU A 8 18.36 20.65 26.28
CA LEU A 8 17.96 20.27 24.94
C LEU A 8 16.46 20.02 24.89
N ASP A 9 15.88 20.34 23.73
CA ASP A 9 14.53 19.88 23.46
C ASP A 9 14.46 18.35 23.36
N ASP A 10 15.49 17.73 22.78
CA ASP A 10 15.45 16.31 22.47
C ASP A 10 16.86 15.90 22.04
N ALA A 11 17.11 14.58 22.05
CA ALA A 11 18.27 13.98 21.40
C ALA A 11 17.90 12.55 20.98
N TYR A 12 18.43 12.12 19.84
CA TYR A 12 18.14 10.80 19.31
C TYR A 12 19.15 10.51 18.21
N PRO A 13 19.24 9.25 17.80
CA PRO A 13 20.34 8.88 16.90
C PRO A 13 20.25 9.54 15.54
N MET A 14 21.42 9.76 14.95
CA MET A 14 21.49 10.03 13.53
C MET A 14 21.03 8.82 12.73
N THR A 15 20.50 9.07 11.54
CA THR A 15 20.10 8.03 10.58
C THR A 15 21.34 7.48 9.91
N SER A 16 21.21 6.37 9.18
CA SER A 16 22.40 5.84 8.51
C SER A 16 22.81 6.76 7.40
N LEU A 17 21.86 7.38 6.69
CA LEU A 17 22.27 8.30 5.64
C LEU A 17 22.93 9.56 6.26
N GLN A 18 22.38 10.09 7.36
CA GLN A 18 23.04 11.24 7.99
C GLN A 18 24.49 10.86 8.34
N GLN A 19 24.65 9.71 8.97
CA GLN A 19 25.99 9.27 9.38
C GLN A 19 26.93 9.11 8.19
N GLY A 20 26.48 8.37 7.17
CA GLY A 20 27.34 8.13 6.03
C GLY A 20 27.73 9.42 5.33
N MET A 21 26.80 10.34 5.19
CA MET A 21 27.14 11.57 4.50
C MET A 21 28.16 12.37 5.31
N LEU A 22 28.00 12.43 6.62
CA LEU A 22 28.95 13.21 7.42
C LEU A 22 30.30 12.52 7.46
N LEU A 23 30.31 11.20 7.59
CA LEU A 23 31.57 10.47 7.49
C LEU A 23 32.23 10.69 6.14
N GLN A 24 31.43 10.74 5.08
CA GLN A 24 32.02 11.00 3.78
C GLN A 24 32.60 12.41 3.74
N SER A 25 31.93 13.37 4.37
CA SER A 25 32.45 14.74 4.37
C SER A 25 33.72 14.82 5.22
N GLU A 26 33.72 14.16 6.36
CA GLU A 26 34.89 14.18 7.23
C GLU A 26 36.08 13.51 6.58
N ALA A 27 35.86 12.40 5.85
CA ALA A 27 36.95 11.76 5.15
C ALA A 27 37.52 12.66 4.07
N SER A 28 36.65 13.23 3.23
CA SER A 28 37.09 14.31 2.37
C SER A 28 37.55 15.48 3.23
N GLY A 29 38.34 16.35 2.75
CA GLY A 29 38.40 17.49 3.62
C GLY A 29 37.55 18.64 3.06
N ASP A 30 36.80 18.45 1.98
CA ASP A 30 36.24 19.51 1.25
C ASP A 30 34.87 20.01 1.67
N PRO A 31 34.80 21.26 2.07
CA PRO A 31 33.47 21.80 2.43
C PRO A 31 32.43 21.76 1.31
N ARG A 32 32.87 21.64 0.05
CA ARG A 32 31.98 21.65 -1.09
C ARG A 32 31.20 20.35 -1.28
N LEU A 33 31.65 19.26 -0.67
CA LEU A 33 31.03 17.96 -0.84
C LEU A 33 29.65 17.93 -0.20
N LEU A 34 28.65 17.52 -0.97
CA LEU A 34 27.28 17.41 -0.49
C LEU A 34 26.75 18.74 0.03
N HIS A 35 27.26 19.85 -0.52
CA HIS A 35 26.94 21.22 -0.08
C HIS A 35 26.07 21.84 -1.16
N ASN A 36 24.76 21.88 -0.90
CA ASN A 36 23.83 22.53 -1.82
C ASN A 36 23.77 24.02 -1.56
N VAL A 37 23.62 24.80 -2.63
CA VAL A 37 23.59 26.24 -2.61
C VAL A 37 22.69 26.70 -3.76
N VAL A 38 21.65 27.47 -3.43
CA VAL A 38 20.66 27.89 -4.42
C VAL A 38 20.29 29.36 -4.14
N LEU A 39 20.06 30.10 -5.22
CA LEU A 39 19.60 31.47 -5.22
C LEU A 39 18.21 31.51 -5.85
N HIS A 40 17.25 32.03 -5.09
CA HIS A 40 15.84 32.16 -5.50
C HIS A 40 15.51 33.62 -5.75
N GLU A 41 14.85 33.90 -6.86
CA GLU A 41 14.33 35.24 -7.09
C GLU A 41 13.05 35.44 -6.29
N VAL A 42 12.96 36.55 -5.58
CA VAL A 42 11.77 36.90 -4.81
C VAL A 42 11.29 38.27 -5.24
N HIS A 43 10.06 38.35 -5.74
CA HIS A 43 9.45 39.65 -6.05
C HIS A 43 8.90 40.22 -4.76
N GLY A 44 9.33 41.42 -4.41
CA GLY A 44 8.86 42.04 -3.19
C GLY A 44 9.91 42.94 -2.58
N ARG A 45 9.45 43.84 -1.73
CA ARG A 45 10.34 44.65 -0.91
C ARG A 45 11.14 43.75 -0.01
N LEU A 46 12.44 44.05 0.07
CA LEU A 46 13.34 43.38 1.02
C LEU A 46 13.40 44.16 2.32
N ASP A 47 12.97 43.55 3.40
CA ASP A 47 13.08 44.05 4.76
C ASP A 47 13.87 42.99 5.52
N GLY A 48 15.14 43.27 5.74
CA GLY A 48 16.03 42.29 6.34
C GLY A 48 15.62 41.84 7.72
N GLU A 49 15.11 42.77 8.54
CA GLU A 49 14.72 42.38 9.89
C GLU A 49 13.48 41.49 9.89
N LEU A 50 12.51 41.79 9.01
CA LEU A 50 11.34 40.92 8.88
C LEU A 50 11.75 39.54 8.34
N LEU A 51 12.67 39.50 7.37
CA LEU A 51 13.15 38.21 6.87
C LEU A 51 13.85 37.38 7.95
N ALA A 52 14.69 38.01 8.77
CA ALA A 52 15.30 37.25 9.86
C ALA A 52 14.25 36.83 10.88
N ARG A 53 13.21 37.65 11.12
CA ARG A 53 12.12 37.24 11.99
C ARG A 53 11.39 36.02 11.42
N ALA A 54 11.08 36.04 10.13
CA ALA A 54 10.48 34.87 9.47
C ALA A 54 11.31 33.60 9.68
N TRP A 55 12.62 33.72 9.52
CA TRP A 55 13.52 32.58 9.70
C TRP A 55 13.52 32.08 11.15
N ALA A 56 13.54 33.00 12.11
CA ALA A 56 13.36 32.60 13.51
C ALA A 56 12.05 31.82 13.70
N ILE A 57 10.97 32.25 13.02
CA ILE A 57 9.73 31.53 13.22
C ILE A 57 9.83 30.08 12.71
N LEU A 58 10.48 29.90 11.56
CA LEU A 58 10.64 28.56 11.01
C LEU A 58 11.50 27.74 11.94
N ILE A 59 12.61 28.32 12.42
CA ILE A 59 13.56 27.65 13.32
C ILE A 59 12.83 27.09 14.53
N GLY A 60 11.92 27.89 15.10
CA GLY A 60 11.08 27.45 16.20
C GLY A 60 10.11 26.35 15.84
N ARG A 61 9.76 26.20 14.57
CA ARG A 61 8.75 25.20 14.22
C ARG A 61 9.32 23.84 13.83
N HIS A 62 10.62 23.75 13.52
CA HIS A 62 11.18 22.53 12.92
C HIS A 62 12.42 22.07 13.65
N ALA A 63 12.33 20.86 14.23
CA ALA A 63 13.46 20.33 15.01
C ALA A 63 14.75 20.27 14.19
N ILE A 64 14.68 19.88 12.92
CA ILE A 64 15.92 19.70 12.16
C ILE A 64 16.69 21.00 12.03
N LEU A 65 16.01 22.14 12.08
CA LEU A 65 16.69 23.44 11.98
C LEU A 65 17.30 23.90 13.31
N ARG A 66 17.05 23.20 14.41
CA ARG A 66 17.72 23.42 15.69
C ARG A 66 18.65 22.27 16.06
N THR A 67 19.02 21.46 15.08
CA THR A 67 19.73 20.24 15.37
C THR A 67 21.22 20.42 15.08
N GLY A 68 22.04 19.90 16.00
CA GLY A 68 23.44 19.68 15.78
C GLY A 68 23.77 18.19 15.74
N PHE A 69 24.79 17.85 14.97
CA PHE A 69 25.21 16.47 14.84
C PHE A 69 26.44 16.26 15.72
N ASP A 70 26.46 15.14 16.42
CA ASP A 70 27.59 14.73 17.25
C ASP A 70 28.00 13.33 16.77
N LEU A 71 28.96 13.29 15.85
CA LEU A 71 29.34 12.01 15.23
C LEU A 71 30.05 11.10 16.22
N HIS A 72 31.00 11.63 16.98
CA HIS A 72 31.92 10.79 17.76
C HIS A 72 31.81 10.96 19.27
N GLY A 73 31.02 11.92 19.76
CA GLY A 73 31.08 12.26 21.18
C GLY A 73 30.57 11.17 22.11
N GLY A 74 29.47 10.52 21.72
CA GLY A 74 28.92 9.41 22.48
C GLY A 74 29.20 8.09 21.78
N GLN A 75 28.55 7.03 22.30
CA GLN A 75 28.78 5.69 21.73
C GLN A 75 28.02 5.47 20.42
N VAL A 76 26.95 6.22 20.18
CA VAL A 76 26.30 6.21 18.88
C VAL A 76 26.13 7.65 18.41
N PRO A 77 26.31 7.94 17.12
CA PRO A 77 26.11 9.31 16.63
C PRO A 77 24.72 9.82 17.00
N LEU A 78 24.67 11.01 17.55
CA LEU A 78 23.43 11.58 18.03
C LEU A 78 23.09 12.89 17.32
N GLN A 79 21.77 13.09 17.17
CA GLN A 79 21.20 14.39 16.83
C GLN A 79 20.80 15.10 18.11
N TRP A 80 21.33 16.31 18.33
CA TRP A 80 20.98 17.14 19.47
C TRP A 80 20.01 18.23 19.02
N VAL A 81 18.79 18.25 19.56
CA VAL A 81 17.80 19.25 19.20
C VAL A 81 17.84 20.32 20.28
N HIS A 82 18.39 21.50 19.94
CA HIS A 82 18.54 22.62 20.86
C HIS A 82 17.23 23.43 20.96
N PRO A 83 17.00 24.12 22.08
CA PRO A 83 15.82 24.99 22.17
C PRO A 83 15.96 26.22 21.31
N ALA A 84 14.82 26.67 20.77
CA ALA A 84 14.81 27.83 19.89
C ALA A 84 15.55 29.02 20.49
N THR A 85 15.44 29.21 21.82
CA THR A 85 16.15 30.30 22.48
C THR A 85 17.67 30.18 22.33
N ALA A 86 18.17 29.01 22.02
CA ALA A 86 19.61 28.84 21.82
C ALA A 86 20.05 28.85 20.38
N VAL A 87 19.16 29.11 19.43
CA VAL A 87 19.47 28.96 18.01
C VAL A 87 19.29 30.33 17.36
N ALA A 88 20.38 30.90 16.87
CA ALA A 88 20.32 32.23 16.28
C ALA A 88 19.73 32.20 14.88
N ALA A 89 18.90 33.21 14.57
CA ALA A 89 18.30 33.41 13.26
C ALA A 89 19.03 34.57 12.57
N GLU A 90 19.94 34.23 11.67
CA GLU A 90 20.74 35.23 10.96
C GLU A 90 20.45 35.19 9.46
N VAL A 91 20.23 36.36 8.87
CA VAL A 91 20.04 36.45 7.43
C VAL A 91 20.91 37.65 7.05
N PRO A 92 22.16 37.42 6.58
CA PRO A 92 22.97 38.53 6.04
C PRO A 92 22.34 39.14 4.81
N VAL A 93 22.32 40.46 4.77
CA VAL A 93 21.82 41.23 3.65
C VAL A 93 22.99 41.78 2.85
N HIS A 94 22.97 41.55 1.55
CA HIS A 94 23.94 42.11 0.61
C HIS A 94 23.22 43.00 -0.39
N ASP A 95 23.94 44.00 -0.88
CA ASP A 95 23.40 45.03 -1.72
C ASP A 95 24.02 44.95 -3.11
N LEU A 96 23.23 44.46 -4.07
CA LEU A 96 23.64 44.45 -5.48
C LEU A 96 22.92 45.48 -6.30
N CYS A 97 22.23 46.44 -5.67
CA CYS A 97 21.40 47.38 -6.43
C CYS A 97 22.26 48.30 -7.29
N GLY A 98 21.71 48.65 -8.45
CA GLY A 98 22.37 49.59 -9.31
C GLY A 98 23.40 49.00 -10.25
N LEU A 99 23.64 47.69 -10.21
CA LEU A 99 24.65 47.08 -11.05
C LEU A 99 24.08 46.76 -12.43
N ASP A 100 24.97 46.65 -13.41
CA ASP A 100 24.49 46.14 -14.70
C ASP A 100 24.26 44.63 -14.61
N GLY A 101 23.65 44.10 -15.66
CA GLY A 101 23.25 42.72 -15.72
C GLY A 101 24.37 41.74 -15.50
N GLU A 102 25.43 41.84 -16.32
CA GLU A 102 26.48 40.86 -16.19
C GLU A 102 27.20 40.97 -14.85
N THR A 103 27.35 42.18 -14.31
CA THR A 103 28.02 42.31 -13.01
C THR A 103 27.20 41.60 -11.94
N ARG A 104 25.88 41.87 -11.94
CA ARG A 104 24.95 41.23 -11.03
C ARG A 104 25.03 39.71 -11.12
N ARG A 105 24.97 39.18 -12.35
CA ARG A 105 25.11 37.73 -12.50
C ARG A 105 26.43 37.24 -11.93
N LEU A 106 27.51 37.97 -12.15
CA LEU A 106 28.79 37.53 -11.59
C LEU A 106 28.80 37.64 -10.08
N ARG A 107 28.22 38.71 -9.53
CA ARG A 107 28.21 38.79 -8.08
C ARG A 107 27.33 37.69 -7.48
N LEU A 108 26.26 37.30 -8.17
CA LEU A 108 25.43 36.21 -7.66
C LEU A 108 26.23 34.92 -7.66
N ARG A 109 26.90 34.62 -8.78
CA ARG A 109 27.79 33.47 -8.88
C ARG A 109 28.84 33.48 -7.80
N ALA A 110 29.40 34.66 -7.51
CA ALA A 110 30.45 34.71 -6.50
C ALA A 110 29.89 34.36 -5.13
N TRP A 111 28.67 34.83 -4.82
CA TRP A 111 28.08 34.45 -3.53
C TRP A 111 27.94 32.91 -3.43
N ILE A 112 27.53 32.27 -4.52
CA ILE A 112 27.38 30.82 -4.54
C ILE A 112 28.70 30.13 -4.23
N GLU A 113 29.74 30.52 -4.96
CA GLU A 113 31.01 29.79 -4.87
C GLU A 113 31.66 30.02 -3.53
N GLU A 114 31.57 31.25 -3.00
CA GLU A 114 32.09 31.50 -1.66
C GLU A 114 31.36 30.67 -0.61
N GLU A 115 30.02 30.64 -0.66
CA GLU A 115 29.27 29.83 0.29
C GLU A 115 29.58 28.35 0.14
N GLN A 116 29.68 27.87 -1.10
CA GLN A 116 29.99 26.46 -1.31
C GLN A 116 31.34 26.08 -0.69
N ALA A 117 32.28 27.01 -0.64
CA ALA A 117 33.58 26.76 -0.04
C ALA A 117 33.60 27.01 1.46
N THR A 118 32.46 27.36 2.08
CA THR A 118 32.44 27.66 3.51
C THR A 118 31.97 26.49 4.30
N PRO A 119 32.79 25.94 5.20
CA PRO A 119 32.39 24.72 5.91
C PRO A 119 31.30 24.98 6.93
N PHE A 120 30.66 23.88 7.35
CA PHE A 120 29.67 23.91 8.40
C PHE A 120 30.29 23.48 9.72
N ASP A 121 29.85 24.12 10.80
CA ASP A 121 30.07 23.67 12.17
C ASP A 121 28.90 22.77 12.56
N TRP A 122 29.14 21.46 12.59
CA TRP A 122 28.07 20.50 12.81
C TRP A 122 27.42 20.61 14.18
N SER A 123 28.04 21.30 15.12
CA SER A 123 27.45 21.44 16.44
C SER A 123 26.69 22.75 16.60
N ARG A 124 26.69 23.62 15.62
CA ARG A 124 26.05 24.94 15.73
C ARG A 124 24.88 25.05 14.77
N PRO A 125 23.68 24.77 15.20
CA PRO A 125 22.53 24.98 14.33
C PRO A 125 22.27 26.45 14.12
N PRO A 126 21.51 26.81 13.08
CA PRO A 126 20.90 25.90 12.11
C PRO A 126 21.98 25.42 11.12
N LEU A 127 21.86 24.18 10.62
CA LEU A 127 22.72 23.68 9.54
C LEU A 127 22.19 24.07 8.16
N VAL A 128 21.37 25.09 8.12
CA VAL A 128 20.94 25.75 6.90
C VAL A 128 21.34 27.22 7.03
N ARG A 129 21.92 27.79 5.99
CA ARG A 129 22.25 29.21 5.95
C ARG A 129 21.42 29.93 4.91
N LEU A 130 21.08 31.18 5.22
CA LEU A 130 20.30 32.06 4.37
C LEU A 130 21.06 33.35 4.14
N ALA A 131 20.79 33.96 3.01
CA ALA A 131 21.24 35.31 2.72
C ALA A 131 20.19 35.91 1.82
N ALA A 132 20.14 37.23 1.80
CA ALA A 132 19.31 38.03 0.93
C ALA A 132 20.20 39.00 0.18
N LEU A 133 20.14 38.96 -1.13
CA LEU A 133 20.87 39.88 -1.98
C LEU A 133 19.89 40.80 -2.72
N ALA A 134 19.82 42.07 -2.25
CA ALA A 134 18.99 43.09 -2.89
C ALA A 134 19.41 43.31 -4.34
N LEU A 135 18.46 43.21 -5.27
CA LEU A 135 18.75 43.35 -6.70
C LEU A 135 18.26 44.65 -7.29
N ASP A 136 17.03 45.04 -6.97
CA ASP A 136 16.50 46.37 -7.19
C ASP A 136 15.36 46.53 -6.20
N GLU A 137 14.67 47.67 -6.26
CA GLU A 137 13.72 48.06 -5.22
C GLU A 137 12.59 47.03 -5.05
N ARG A 138 12.31 46.24 -6.09
CA ARG A 138 11.19 45.31 -6.07
C ARG A 138 11.61 43.84 -6.11
N ARG A 139 12.87 43.54 -5.91
CA ARG A 139 13.41 42.22 -6.26
C ARG A 139 14.65 41.93 -5.43
N PHE A 140 14.70 40.77 -4.79
CA PHE A 140 15.93 40.31 -4.15
C PHE A 140 16.14 38.83 -4.42
N ALA A 141 17.37 38.37 -4.22
CA ALA A 141 17.68 36.96 -4.27
C ALA A 141 17.77 36.42 -2.85
N LEU A 142 17.15 35.29 -2.64
CA LEU A 142 17.24 34.57 -1.37
C LEU A 142 18.18 33.41 -1.58
N GLY A 143 19.28 33.42 -0.82
CA GLY A 143 20.25 32.34 -0.91
C GLY A 143 19.94 31.30 0.17
N VAL A 144 19.98 30.04 -0.23
CA VAL A 144 19.67 28.97 0.70
C VAL A 144 20.73 27.88 0.52
N ALA A 145 21.33 27.43 1.61
CA ALA A 145 22.48 26.55 1.54
C ALA A 145 22.46 25.60 2.72
N GLU A 146 22.66 24.32 2.42
CA GLU A 146 22.68 23.31 3.46
C GLU A 146 23.45 22.10 2.94
N HIS A 147 23.97 21.35 3.88
CA HIS A 147 24.50 20.01 3.62
C HIS A 147 23.37 19.02 3.38
N HIS A 148 23.57 18.12 2.41
CA HIS A 148 22.55 17.11 2.10
C HIS A 148 22.18 16.23 3.30
N SER A 149 22.97 16.25 4.35
CA SER A 149 22.64 15.48 5.54
C SER A 149 21.43 16.06 6.29
N VAL A 150 21.03 17.28 5.95
CA VAL A 150 20.04 18.03 6.72
C VAL A 150 18.66 17.97 6.09
N LEU A 151 18.57 18.22 4.77
CA LEU A 151 17.30 18.32 4.08
C LEU A 151 17.31 17.57 2.77
N ASP A 152 16.24 16.81 2.48
CA ASP A 152 16.02 16.34 1.12
C ASP A 152 15.32 17.44 0.30
N GLY A 153 15.15 17.18 -1.01
CA GLY A 153 14.64 18.19 -1.92
C GLY A 153 13.21 18.60 -1.63
N TRP A 154 12.39 17.65 -1.20
CA TRP A 154 11.02 17.96 -0.79
C TRP A 154 11.01 18.87 0.44
N SER A 155 11.84 18.54 1.46
CA SER A 155 11.93 19.40 2.64
C SER A 155 12.43 20.79 2.26
N LEU A 156 13.38 20.87 1.35
CA LEU A 156 13.93 22.16 0.95
C LEU A 156 12.85 23.02 0.32
N GLN A 157 12.04 22.44 -0.56
CA GLN A 157 10.94 23.15 -1.15
C GLN A 157 9.93 23.61 -0.11
N SER A 158 9.61 22.74 0.86
CA SER A 158 8.66 23.12 1.90
C SER A 158 9.20 24.25 2.76
N LEU A 159 10.51 24.18 3.05
CA LEU A 159 11.17 25.24 3.81
C LEU A 159 11.05 26.57 3.08
N VAL A 160 11.45 26.61 1.80
CA VAL A 160 11.42 27.87 1.07
C VAL A 160 9.99 28.40 1.00
N ASP A 161 9.02 27.55 0.66
CA ASP A 161 7.63 28.01 0.58
C ASP A 161 7.15 28.57 1.91
N GLU A 162 7.45 27.87 3.02
CA GLU A 162 6.99 28.36 4.32
C GLU A 162 7.73 29.65 4.73
N LEU A 163 9.01 29.77 4.43
CA LEU A 163 9.70 31.04 4.76
C LEU A 163 9.05 32.24 4.04
N LEU A 164 8.78 32.07 2.77
CA LEU A 164 8.20 33.14 2.00
C LEU A 164 6.76 33.43 2.42
N ALA A 165 5.98 32.42 2.82
CA ALA A 165 4.64 32.65 3.35
C ALA A 165 4.69 33.44 4.67
N VAL A 166 5.55 33.03 5.60
CA VAL A 166 5.71 33.75 6.85
C VAL A 166 6.20 35.17 6.59
N TYR A 167 7.18 35.32 5.72
CA TYR A 167 7.68 36.65 5.38
C TYR A 167 6.58 37.54 4.82
N ALA A 168 5.82 37.02 3.84
CA ALA A 168 4.72 37.79 3.29
C ALA A 168 3.72 38.18 4.36
N ASP A 169 3.43 37.28 5.31
CA ASP A 169 2.56 37.66 6.43
C ASP A 169 3.15 38.85 7.19
N LEU A 170 4.42 38.78 7.54
CA LEU A 170 5.00 39.88 8.31
C LEU A 170 5.04 41.16 7.51
N LEU A 171 5.35 41.05 6.21
CA LEU A 171 5.40 42.24 5.37
C LEU A 171 4.04 42.90 5.21
N ALA A 172 2.97 42.11 5.25
CA ALA A 172 1.60 42.65 5.15
C ALA A 172 1.05 43.07 6.51
N GLY A 173 1.79 42.86 7.59
CA GLY A 173 1.39 43.28 8.91
C GLY A 173 0.43 42.35 9.61
N VAL A 174 0.31 41.10 9.17
CA VAL A 174 -0.56 40.14 9.83
C VAL A 174 0.28 39.13 10.61
N VAL A 175 -0.40 38.40 11.48
CA VAL A 175 0.29 37.40 12.28
C VAL A 175 0.69 36.23 11.40
N ALA A 176 1.90 35.74 11.58
CA ALA A 176 2.35 34.59 10.83
C ALA A 176 1.38 33.45 11.11
N ARG A 177 0.87 32.86 10.07
CA ARG A 177 0.05 31.67 10.26
C ARG A 177 0.92 30.42 10.27
N GLU A 178 0.35 29.36 10.88
CA GLU A 178 1.01 28.08 11.06
C GLU A 178 0.08 26.96 10.62
N ALA A 179 0.66 25.91 10.03
CA ALA A 179 -0.08 24.70 9.72
C ALA A 179 -0.37 23.90 10.98
N GLU A 180 -1.31 22.97 10.86
CA GLU A 180 -1.63 22.04 11.95
C GLU A 180 -0.39 21.20 12.28
N ALA A 181 -0.08 21.11 13.57
CA ALA A 181 1.02 20.28 14.03
C ALA A 181 0.89 18.87 13.46
N PRO A 182 1.92 18.34 12.80
CA PRO A 182 1.86 16.93 12.41
C PRO A 182 1.82 16.01 13.62
N ALA A 183 1.20 14.86 13.42
CA ALA A 183 1.28 13.76 14.37
C ALA A 183 2.73 13.43 14.75
N VAL A 184 3.53 13.10 13.74
CA VAL A 184 4.81 12.52 13.93
C VAL A 184 5.86 13.62 13.88
N GLY A 185 7.08 13.29 14.32
CA GLY A 185 8.27 14.10 14.09
C GLY A 185 9.38 13.28 13.47
N PHE A 186 10.50 13.97 13.24
CA PHE A 186 11.64 13.31 12.63
C PHE A 186 12.10 12.13 13.48
N ARG A 187 12.04 12.26 14.79
CA ARG A 187 12.42 11.17 15.69
C ARG A 187 11.68 9.89 15.37
N ASP A 188 10.41 10.00 14.98
CA ASP A 188 9.66 8.81 14.58
C ASP A 188 10.22 8.16 13.31
N TYR A 189 10.72 8.96 12.36
CA TYR A 189 11.36 8.35 11.18
C TYR A 189 12.61 7.60 11.59
N VAL A 190 13.39 8.20 12.49
CA VAL A 190 14.59 7.53 13.01
C VAL A 190 14.23 6.14 13.52
N ALA A 191 13.24 6.08 14.39
CA ALA A 191 12.82 4.79 14.95
C ALA A 191 12.37 3.83 13.86
N LEU A 192 11.64 4.33 12.84
CA LEU A 192 11.21 3.44 11.76
C LEU A 192 12.41 2.82 11.03
N GLU A 193 13.45 3.64 10.80
CA GLU A 193 14.62 3.15 10.09
C GLU A 193 15.39 2.15 10.93
N ARG A 194 15.56 2.40 12.22
CA ARG A 194 16.29 1.46 13.08
C ARG A 194 15.58 0.11 13.16
N GLU A 195 14.25 0.12 13.28
CA GLU A 195 13.51 -1.12 13.18
C GLU A 195 13.73 -1.80 11.83
N ALA A 196 13.66 -1.04 10.74
CA ALA A 196 13.80 -1.65 9.42
C ALA A 196 15.21 -2.23 9.24
N GLU A 197 16.20 -1.53 9.77
CA GLU A 197 17.57 -2.01 9.70
C GLU A 197 17.72 -3.33 10.42
N ALA A 198 16.94 -3.52 11.47
CA ALA A 198 16.98 -4.72 12.27
C ALA A 198 16.05 -5.78 11.76
N ASN A 199 15.27 -5.50 10.70
CA ASN A 199 14.24 -6.42 10.25
C ASN A 199 14.89 -7.50 9.41
N ALA A 200 14.78 -8.76 9.85
CA ALA A 200 15.50 -9.85 9.18
C ALA A 200 14.89 -10.13 7.81
N ALA A 201 13.58 -10.18 7.72
CA ALA A 201 12.96 -10.42 6.43
C ALA A 201 13.35 -9.34 5.41
N SER A 202 13.59 -8.12 5.85
CA SER A 202 13.96 -7.07 4.91
C SER A 202 15.39 -7.24 4.47
N ALA A 203 16.29 -7.56 5.40
CA ALA A 203 17.65 -7.83 5.00
C ALA A 203 17.69 -8.98 4.00
N LEU A 204 16.90 -10.03 4.27
CA LEU A 204 16.92 -11.21 3.41
C LEU A 204 16.31 -10.89 2.06
N PHE A 205 15.29 -10.04 2.04
CA PHE A 205 14.69 -9.66 0.78
C PHE A 205 15.74 -9.07 -0.13
N TRP A 206 16.54 -8.14 0.39
CA TRP A 206 17.53 -7.48 -0.43
C TRP A 206 18.66 -8.42 -0.83
N LEU A 207 19.06 -9.34 0.04
CA LEU A 207 20.04 -10.36 -0.32
C LEU A 207 19.52 -11.24 -1.47
N ASP A 208 18.31 -11.77 -1.32
CA ASP A 208 17.74 -12.56 -2.40
C ASP A 208 17.56 -11.77 -3.70
N TYR A 209 17.20 -10.49 -3.60
CA TYR A 209 16.89 -9.73 -4.82
C TYR A 209 18.14 -9.53 -5.63
N LEU A 210 19.28 -9.34 -5.00
CA LEU A 210 20.53 -9.13 -5.68
C LEU A 210 21.34 -10.43 -5.96
N ALA A 211 20.88 -11.60 -5.52
CA ALA A 211 21.60 -12.83 -5.85
C ALA A 211 21.68 -13.00 -7.36
N GLY A 212 22.90 -13.17 -7.86
CA GLY A 212 23.18 -13.32 -9.26
C GLY A 212 23.43 -12.04 -10.02
N ALA A 213 23.27 -10.89 -9.38
CA ALA A 213 23.47 -9.63 -10.07
C ALA A 213 24.94 -9.47 -10.38
N ARG A 214 25.23 -8.77 -11.47
CA ARG A 214 26.61 -8.42 -11.81
C ARG A 214 26.73 -6.91 -11.81
N TYR A 215 27.94 -6.43 -11.51
CA TYR A 215 28.10 -5.00 -11.32
C TYR A 215 28.98 -4.25 -12.30
N ARG A 216 28.92 -4.63 -13.54
CA ARG A 216 29.85 -4.15 -14.53
C ARG A 216 29.89 -2.62 -14.48
N PRO A 217 31.06 -2.00 -14.41
CA PRO A 217 31.13 -0.53 -14.37
C PRO A 217 30.41 0.08 -15.57
N LEU A 218 29.90 1.28 -15.35
CA LEU A 218 29.36 2.11 -16.41
C LEU A 218 30.39 2.26 -17.53
N PRO A 219 30.08 1.83 -18.75
CA PRO A 219 31.11 1.91 -19.80
C PRO A 219 31.49 3.36 -20.08
N GLY A 220 32.81 3.61 -20.12
CA GLY A 220 33.33 4.94 -20.30
C GLY A 220 33.72 5.62 -19.02
N LEU A 221 33.31 5.08 -17.88
CA LEU A 221 33.55 5.70 -16.59
C LEU A 221 34.91 5.24 -16.07
N ALA A 222 35.82 6.20 -15.92
CA ALA A 222 37.14 5.89 -15.40
C ALA A 222 37.04 5.41 -13.95
N GLU A 223 37.91 4.47 -13.59
CA GLU A 223 38.00 4.00 -12.21
C GLU A 223 38.36 5.17 -11.29
N GLU A 224 39.38 5.95 -11.67
CA GLU A 224 39.84 7.06 -10.86
C GLU A 224 39.76 8.37 -11.63
N GLY A 225 39.67 9.47 -10.90
CA GLY A 225 39.74 10.79 -11.46
C GLY A 225 39.45 11.84 -10.41
N PRO A 226 39.67 13.10 -10.76
CA PRO A 226 39.37 14.20 -9.84
C PRO A 226 37.85 14.43 -9.72
N ARG A 227 37.49 15.30 -8.78
CA ARG A 227 36.09 15.64 -8.49
C ARG A 227 35.70 16.91 -9.25
N ARG A 228 34.92 16.74 -10.31
CA ARG A 228 34.42 17.87 -11.09
C ARG A 228 33.04 17.49 -11.59
N MET A 229 32.06 18.39 -11.44
CA MET A 229 30.67 18.07 -11.67
C MET A 229 30.17 18.80 -12.91
N ALA A 230 29.29 18.14 -13.66
CA ALA A 230 28.66 18.75 -14.83
C ALA A 230 27.22 18.24 -14.92
N ALA A 231 26.42 18.95 -15.66
CA ALA A 231 25.02 18.65 -15.80
C ALA A 231 24.64 18.72 -17.28
N VAL A 232 23.63 17.95 -17.63
CA VAL A 232 23.16 17.79 -19.00
C VAL A 232 21.66 17.69 -18.93
N ARG A 233 20.96 18.48 -19.74
CA ARG A 233 19.53 18.32 -19.94
C ARG A 233 19.27 17.39 -21.12
N VAL A 234 18.32 16.48 -20.94
CA VAL A 234 17.84 15.66 -22.04
C VAL A 234 16.80 16.46 -22.84
N ASP A 235 16.88 16.31 -24.16
CA ASP A 235 15.93 16.90 -25.11
C ASP A 235 14.69 16.01 -25.10
N VAL A 236 13.80 16.29 -24.15
CA VAL A 236 12.57 15.60 -23.99
C VAL A 236 11.58 15.88 -25.11
N PRO A 237 11.08 14.85 -25.83
CA PRO A 237 10.10 15.10 -26.89
C PRO A 237 8.96 16.04 -26.48
N ALA A 238 8.40 16.67 -27.50
CA ALA A 238 7.54 17.83 -27.35
C ALA A 238 6.53 17.78 -26.21
N ASP A 239 5.59 16.88 -26.28
CA ASP A 239 4.50 16.92 -25.30
C ASP A 239 4.46 15.74 -24.33
N SER A 240 5.65 15.30 -23.94
CA SER A 240 5.81 13.97 -23.35
C SER A 240 4.92 13.77 -22.15
N LEU A 241 4.84 14.76 -21.28
CA LEU A 241 4.15 14.52 -20.03
C LEU A 241 2.70 14.16 -20.29
N SER A 242 2.05 14.93 -21.16
CA SER A 242 0.65 14.70 -21.46
C SER A 242 0.49 13.34 -22.12
N ARG A 243 1.29 13.07 -23.13
CA ARG A 243 1.23 11.78 -23.78
C ARG A 243 1.54 10.64 -22.81
N LEU A 244 2.51 10.84 -21.90
CA LEU A 244 2.86 9.73 -21.02
C LEU A 244 1.83 9.52 -19.91
N ARG A 245 1.27 10.61 -19.37
CA ARG A 245 0.19 10.44 -18.40
C ARG A 245 -0.99 9.68 -19.00
N ALA A 246 -1.23 9.86 -20.30
CA ALA A 246 -2.33 9.16 -20.94
C ALA A 246 -1.99 7.69 -21.14
N LEU A 247 -0.75 7.40 -21.55
CA LEU A 247 -0.33 6.01 -21.60
C LEU A 247 -0.44 5.40 -20.21
N ALA A 248 -0.11 6.18 -19.18
CA ALA A 248 -0.10 5.68 -17.81
C ALA A 248 -1.50 5.25 -17.37
N GLU A 249 -2.48 6.13 -17.57
CA GLU A 249 -3.86 5.85 -17.17
C GLU A 249 -4.45 4.69 -17.95
N ARG A 250 -4.17 4.62 -19.25
CA ARG A 250 -4.75 3.56 -20.06
C ARG A 250 -4.16 2.19 -19.71
N SER A 251 -2.85 2.14 -19.51
CA SER A 251 -2.19 0.86 -19.26
C SER A 251 -2.26 0.41 -17.81
N GLY A 252 -2.71 1.25 -16.88
CA GLY A 252 -2.68 0.86 -15.47
C GLY A 252 -1.29 0.85 -14.85
N LEU A 253 -0.32 1.49 -15.47
CA LEU A 253 1.03 1.60 -14.92
C LEU A 253 1.28 3.05 -14.51
N PRO A 254 1.76 3.32 -13.30
CA PRO A 254 2.06 4.70 -12.94
C PRO A 254 3.15 5.31 -13.83
N LEU A 255 3.17 6.65 -13.85
CA LEU A 255 4.16 7.38 -14.63
C LEU A 255 5.59 7.08 -14.19
N ARG A 256 5.82 6.99 -12.88
CA ARG A 256 7.13 6.64 -12.37
C ARG A 256 7.63 5.33 -12.96
N SER A 257 6.75 4.34 -13.12
CA SER A 257 7.15 3.04 -13.67
C SER A 257 7.55 3.15 -15.12
N LEU A 258 6.77 3.87 -15.92
CA LEU A 258 7.15 4.12 -17.30
C LEU A 258 8.52 4.78 -17.37
N LEU A 259 8.76 5.82 -16.54
CA LEU A 259 10.04 6.50 -16.65
C LEU A 259 11.19 5.63 -16.16
N LEU A 260 10.95 4.81 -15.12
CA LEU A 260 12.01 3.93 -14.63
C LEU A 260 12.38 2.89 -15.69
N ALA A 261 11.38 2.38 -16.44
CA ALA A 261 11.71 1.50 -17.55
C ALA A 261 12.51 2.24 -18.61
N ALA A 262 12.23 3.54 -18.80
CA ALA A 262 12.96 4.30 -19.82
C ALA A 262 14.40 4.48 -19.42
N HIS A 263 14.59 4.82 -18.15
CA HIS A 263 15.91 4.85 -17.53
C HIS A 263 16.67 3.55 -17.75
N GLY A 264 16.01 2.42 -17.51
CA GLY A 264 16.67 1.13 -17.70
C GLY A 264 17.05 0.87 -19.15
N ARG A 265 16.16 1.23 -20.07
CA ARG A 265 16.41 1.06 -21.49
C ARG A 265 17.56 1.92 -21.94
N ALA A 266 17.56 3.19 -21.51
CA ALA A 266 18.67 4.06 -21.85
C ALA A 266 19.97 3.49 -21.37
N LEU A 267 20.00 3.01 -20.13
CA LEU A 267 21.25 2.56 -19.54
C LEU A 267 21.71 1.24 -20.15
N CYS A 268 20.79 0.31 -20.43
CA CYS A 268 21.19 -0.95 -21.07
C CYS A 268 21.72 -0.72 -22.48
N ARG A 269 21.02 0.09 -23.27
CA ARG A 269 21.48 0.41 -24.62
C ARG A 269 22.84 1.11 -24.58
N PHE A 270 22.93 2.22 -23.85
CA PHE A 270 24.19 2.96 -23.76
C PHE A 270 25.33 2.08 -23.28
N SER A 271 25.05 1.19 -22.31
CA SER A 271 26.12 0.37 -21.77
C SER A 271 26.31 -0.92 -22.56
N ASP A 272 25.45 -1.19 -23.54
CA ASP A 272 25.43 -2.44 -24.30
C ASP A 272 25.36 -3.64 -23.35
N ALA A 273 24.40 -3.59 -22.42
CA ALA A 273 24.33 -4.58 -21.35
C ALA A 273 22.95 -5.21 -21.32
N ASP A 274 22.93 -6.49 -20.90
CA ASP A 274 21.69 -7.21 -20.70
C ASP A 274 20.96 -6.76 -19.43
N GLU A 275 21.66 -6.16 -18.48
CA GLU A 275 21.05 -5.74 -17.23
C GLU A 275 21.95 -4.69 -16.61
N VAL A 276 21.32 -3.72 -15.94
CA VAL A 276 22.07 -2.76 -15.16
C VAL A 276 21.45 -2.72 -13.76
N VAL A 277 22.27 -2.39 -12.80
CA VAL A 277 21.84 -2.20 -11.42
C VAL A 277 22.00 -0.71 -11.15
N THR A 278 20.87 -0.04 -10.91
CA THR A 278 20.82 1.39 -10.64
C THR A 278 20.29 1.62 -9.22
N GLY A 279 20.53 2.79 -8.70
CA GLY A 279 19.89 3.18 -7.45
C GLY A 279 18.56 3.90 -7.63
N PHE A 280 17.54 3.35 -7.01
CA PHE A 280 16.20 3.89 -6.98
C PHE A 280 16.02 4.69 -5.70
N VAL A 281 15.86 6.00 -5.84
CA VAL A 281 15.73 6.88 -4.67
C VAL A 281 14.28 6.86 -4.18
N SER A 282 14.07 6.35 -2.96
CA SER A 282 12.72 6.33 -2.38
C SER A 282 12.71 7.14 -1.09
N HIS A 283 11.52 7.52 -0.65
CA HIS A 283 11.40 8.21 0.64
C HIS A 283 10.62 7.33 1.59
N GLY A 284 11.04 7.37 2.85
CA GLY A 284 10.43 6.60 3.92
C GLY A 284 9.74 7.46 4.95
N ARG A 285 9.21 8.63 4.57
CA ARG A 285 8.43 9.42 5.52
C ARG A 285 7.41 8.52 6.21
N PRO A 286 7.22 8.66 7.52
CA PRO A 286 6.18 7.87 8.18
C PRO A 286 4.86 8.06 7.46
N GLU A 287 4.08 6.97 7.40
CA GLU A 287 2.76 6.98 6.77
C GLU A 287 1.74 7.41 7.82
N GLU A 288 1.77 8.72 8.12
CA GLU A 288 1.03 9.28 9.23
C GLU A 288 0.64 10.70 8.87
N PRO A 289 -0.47 11.21 9.41
CA PRO A 289 -0.96 12.52 8.95
C PRO A 289 0.04 13.65 9.17
N GLY A 290 0.21 14.47 8.14
CA GLY A 290 1.12 15.61 8.17
C GLY A 290 2.59 15.28 7.92
N ALA A 291 2.93 14.01 7.71
CA ALA A 291 4.33 13.63 7.49
C ALA A 291 4.91 14.37 6.29
N ASP A 292 4.05 14.77 5.35
CA ASP A 292 4.53 15.48 4.19
C ASP A 292 5.02 16.87 4.53
N ARG A 293 4.68 17.39 5.69
CA ARG A 293 5.13 18.72 6.11
C ARG A 293 6.39 18.69 6.97
N LEU A 294 6.90 17.51 7.31
CA LEU A 294 8.12 17.43 8.13
C LEU A 294 9.34 17.88 7.33
N LEU A 295 10.30 18.48 8.02
CA LEU A 295 11.58 18.82 7.41
C LEU A 295 12.64 17.85 7.91
N GLY A 296 13.43 17.32 7.00
CA GLY A 296 14.56 16.48 7.31
C GLY A 296 15.03 15.73 6.06
N LEU A 297 15.78 14.67 6.31
CA LEU A 297 16.29 13.77 5.28
C LEU A 297 15.59 12.42 5.43
N PHE A 298 14.75 12.08 4.47
CA PHE A 298 13.96 10.84 4.49
C PHE A 298 14.30 9.88 3.35
N LEU A 299 15.40 10.08 2.66
CA LEU A 299 15.67 9.29 1.45
C LEU A 299 16.43 8.02 1.81
N ASN A 300 16.15 6.96 1.04
CA ASN A 300 16.99 5.77 1.03
C ASN A 300 17.11 5.31 -0.41
N THR A 301 18.32 4.97 -0.82
CA THR A 301 18.55 4.51 -2.20
C THR A 301 18.50 2.99 -2.25
N LEU A 302 17.61 2.45 -3.09
CA LEU A 302 17.46 1.01 -3.18
C LEU A 302 18.12 0.47 -4.46
N PRO A 303 18.76 -0.68 -4.36
CA PRO A 303 19.22 -1.36 -5.56
C PRO A 303 18.05 -1.72 -6.43
N CYS A 304 18.19 -1.50 -7.73
CA CYS A 304 17.11 -1.79 -8.67
C CYS A 304 17.73 -2.41 -9.93
N ARG A 305 17.29 -3.60 -10.26
CA ARG A 305 17.84 -4.34 -11.40
C ARG A 305 16.91 -4.15 -12.58
N LEU A 306 17.44 -3.61 -13.67
CA LEU A 306 16.65 -3.34 -14.86
C LEU A 306 17.26 -4.13 -15.99
N SER A 307 16.48 -5.06 -16.54
CA SER A 307 16.98 -5.89 -17.62
C SER A 307 16.52 -5.35 -18.97
N ALA A 308 17.34 -5.62 -19.99
CA ALA A 308 17.02 -5.20 -21.34
C ALA A 308 15.81 -5.94 -21.88
N SER A 309 14.92 -5.23 -22.59
CA SER A 309 13.85 -5.87 -23.33
C SER A 309 13.37 -5.09 -24.54
N VAL A 310 13.02 -5.83 -25.60
CA VAL A 310 12.42 -5.21 -26.77
C VAL A 310 11.03 -4.67 -26.44
N ASP A 311 10.34 -5.28 -25.47
CA ASP A 311 8.98 -4.92 -25.08
C ASP A 311 9.08 -3.93 -23.93
N LEU A 312 9.09 -2.64 -24.25
CA LEU A 312 9.33 -1.63 -23.22
C LEU A 312 8.16 -1.53 -22.26
N LEU A 313 6.95 -1.87 -22.70
CA LEU A 313 5.83 -1.87 -21.78
C LEU A 313 5.92 -3.02 -20.79
N ASP A 314 6.46 -4.16 -21.20
CA ASP A 314 6.69 -5.22 -20.23
C ASP A 314 7.82 -4.85 -19.26
N SER A 315 8.81 -4.06 -19.71
CA SER A 315 9.79 -3.52 -18.77
C SER A 315 9.14 -2.57 -17.76
N ALA A 316 8.14 -1.80 -18.21
CA ALA A 316 7.43 -0.92 -17.29
C ALA A 316 6.68 -1.73 -16.26
N ARG A 317 6.06 -2.83 -16.69
CA ARG A 317 5.31 -3.66 -15.76
C ARG A 317 6.24 -4.26 -14.71
N ARG A 318 7.42 -4.68 -15.14
CA ARG A 318 8.40 -5.21 -14.20
C ARG A 318 8.89 -4.12 -13.26
N ALA A 319 9.06 -2.88 -13.76
CA ALA A 319 9.46 -1.83 -12.83
C ALA A 319 8.36 -1.57 -11.81
N PHE A 320 7.10 -1.67 -12.21
CA PHE A 320 6.01 -1.53 -11.28
C PHE A 320 6.00 -2.66 -10.27
N ASP A 321 6.19 -3.89 -10.73
CA ASP A 321 6.27 -5.02 -9.82
C ASP A 321 7.43 -4.87 -8.84
N TYR A 322 8.56 -4.32 -9.30
CA TYR A 322 9.67 -4.06 -8.40
C TYR A 322 9.29 -3.12 -7.28
N GLU A 323 8.66 -2.00 -7.62
CA GLU A 323 8.28 -1.03 -6.61
C GLU A 323 7.31 -1.63 -5.62
N ARG A 324 6.39 -2.46 -6.09
CA ARG A 324 5.41 -3.08 -5.21
C ARG A 324 6.06 -4.10 -4.29
N ALA A 325 7.01 -4.88 -4.82
CA ALA A 325 7.63 -5.91 -3.99
C ALA A 325 8.58 -5.30 -2.98
N SER A 326 9.24 -4.20 -3.35
CA SER A 326 10.24 -3.60 -2.49
C SER A 326 9.66 -2.63 -1.47
N LEU A 327 8.38 -2.31 -1.57
CA LEU A 327 7.81 -1.20 -0.83
C LEU A 327 7.98 -1.36 0.68
N GLU A 328 7.56 -2.49 1.22
CA GLU A 328 7.65 -2.70 2.65
C GLU A 328 9.09 -2.85 3.13
N HIS A 329 10.06 -2.99 2.23
CA HIS A 329 11.46 -3.13 2.61
C HIS A 329 12.25 -1.88 2.34
N ARG A 330 11.57 -0.79 1.96
CA ARG A 330 12.26 0.39 1.44
C ARG A 330 12.99 1.19 2.49
N ARG A 331 12.75 0.96 3.78
CA ARG A 331 13.50 1.67 4.81
C ARG A 331 14.70 0.89 5.32
N HIS A 332 14.92 -0.32 4.85
CA HIS A 332 16.18 -1.02 5.18
C HIS A 332 17.35 -0.28 4.54
N PRO A 333 18.25 0.31 5.32
CA PRO A 333 19.18 1.29 4.74
C PRO A 333 20.13 0.66 3.75
N LEU A 334 20.47 1.42 2.71
CA LEU A 334 21.46 0.97 1.74
C LEU A 334 22.76 0.51 2.39
N ALA A 335 23.26 1.25 3.39
CA ALA A 335 24.51 0.86 4.02
C ALA A 335 24.43 -0.54 4.63
N ALA A 336 23.28 -0.89 5.20
CA ALA A 336 23.07 -2.24 5.71
C ALA A 336 23.02 -3.27 4.59
N ILE A 337 22.39 -2.93 3.46
CA ILE A 337 22.43 -3.83 2.32
C ILE A 337 23.88 -4.06 1.88
N ARG A 338 24.67 -3.00 1.86
CA ARG A 338 26.06 -3.10 1.45
C ARG A 338 26.86 -3.92 2.46
N ARG A 339 26.55 -3.83 3.76
CA ARG A 339 27.29 -4.57 4.75
C ARG A 339 27.19 -6.06 4.51
N ARG A 340 26.04 -6.54 4.01
CA ARG A 340 25.87 -7.94 3.69
C ARG A 340 26.06 -8.26 2.23
N ASN A 341 26.39 -7.27 1.41
CA ASN A 341 26.65 -7.57 0.01
C ASN A 341 27.73 -6.52 -0.19
N ARG A 342 28.96 -6.96 -0.18
CA ARG A 342 30.11 -6.13 -0.48
C ARG A 342 30.32 -5.91 -1.97
N GLU A 343 29.79 -6.77 -2.83
CA GLU A 343 29.97 -6.57 -4.27
C GLU A 343 29.08 -5.43 -4.81
N LEU A 344 28.02 -5.09 -4.10
CA LEU A 344 27.05 -4.14 -4.60
C LEU A 344 27.73 -2.83 -4.92
N ARG A 345 27.49 -2.33 -6.12
CA ARG A 345 27.99 -1.01 -6.50
C ARG A 345 26.96 -0.41 -7.42
N LEU A 346 26.60 0.85 -7.17
CA LEU A 346 25.60 1.57 -7.96
C LEU A 346 26.30 2.76 -8.61
N ASP A 347 26.49 2.71 -9.91
CA ASP A 347 27.08 3.85 -10.61
C ASP A 347 26.04 4.88 -11.06
N SER A 348 24.77 4.56 -11.05
CA SER A 348 23.75 5.51 -11.43
C SER A 348 22.63 5.49 -10.41
N LEU A 349 21.89 6.61 -10.36
CA LEU A 349 20.72 6.80 -9.53
C LEU A 349 19.55 7.29 -10.37
N PHE A 350 18.36 6.86 -10.01
CA PHE A 350 17.10 7.29 -10.59
C PHE A 350 16.34 8.05 -9.52
N ASN A 351 15.97 9.29 -9.81
CA ASN A 351 15.19 10.14 -8.91
C ASN A 351 13.98 10.68 -9.66
N PHE A 352 12.78 10.29 -9.20
CA PHE A 352 11.52 10.81 -9.75
C PHE A 352 11.02 11.89 -8.78
N VAL A 353 10.84 13.09 -9.29
CA VAL A 353 10.53 14.26 -8.49
C VAL A 353 9.17 14.81 -8.93
N ASP A 354 8.26 14.95 -7.96
CA ASP A 354 6.87 15.29 -8.21
C ASP A 354 6.34 16.21 -7.11
N PHE A 355 6.94 17.42 -6.96
CA PHE A 355 6.45 18.44 -6.02
C PHE A 355 5.56 19.41 -6.81
N HIS A 356 4.25 19.27 -6.67
CA HIS A 356 3.32 20.06 -7.48
C HIS A 356 3.29 21.53 -7.04
N PRO A 362 -0.03 34.16 -7.13
CA PRO A 362 -0.74 34.96 -6.14
C PRO A 362 -0.14 36.37 -6.00
N ALA A 363 -0.92 37.28 -5.43
CA ALA A 363 -0.56 38.68 -5.35
C ALA A 363 0.38 38.93 -4.16
N GLY A 364 1.14 40.02 -4.25
CA GLY A 364 2.07 40.37 -3.21
C GLY A 364 3.41 39.69 -3.42
N VAL A 365 4.03 39.25 -2.33
CA VAL A 365 5.33 38.58 -2.40
C VAL A 365 5.21 37.29 -3.19
N ARG A 366 6.07 37.11 -4.19
CA ARG A 366 6.04 35.86 -4.94
C ARG A 366 7.45 35.39 -5.29
N HIS A 367 7.58 34.09 -5.32
CA HIS A 367 8.80 33.41 -5.76
C HIS A 367 8.86 33.47 -7.27
N GLY A 368 9.98 33.91 -7.82
CA GLY A 368 10.06 34.15 -9.25
C GLY A 368 10.88 33.19 -10.07
N GLY A 369 11.35 32.09 -9.49
CA GLY A 369 12.26 31.19 -10.18
C GLY A 369 13.61 31.11 -9.50
N ILE A 370 14.49 30.31 -10.10
CA ILE A 370 15.85 30.11 -9.59
C ILE A 370 16.83 30.92 -10.44
N LEU A 371 17.63 31.77 -9.78
CA LEU A 371 18.55 32.60 -10.52
C LEU A 371 19.83 31.84 -10.90
N ASP A 372 20.33 30.99 -10.00
CA ASP A 372 21.62 30.33 -10.08
C ASP A 372 21.69 29.30 -8.95
N GLN A 373 22.55 28.30 -9.12
CA GLN A 373 22.69 27.21 -8.18
C GLN A 373 23.91 26.38 -8.58
N VAL A 374 24.40 25.56 -7.62
CA VAL A 374 25.54 24.68 -7.89
C VAL A 374 25.02 23.35 -8.39
N VAL A 375 25.86 22.69 -9.18
CA VAL A 375 25.79 21.25 -9.39
C VAL A 375 26.51 20.60 -8.22
N VAL A 376 25.75 19.92 -7.36
CA VAL A 376 26.32 19.58 -6.06
C VAL A 376 27.40 18.51 -6.21
N ASP A 377 28.59 18.80 -5.69
CA ASP A 377 29.67 17.83 -5.63
C ASP A 377 29.24 16.59 -4.86
N VAL A 378 28.98 15.50 -5.54
CA VAL A 378 28.70 14.22 -4.91
C VAL A 378 29.74 13.20 -5.44
N ASP A 379 29.72 11.99 -4.83
CA ASP A 379 30.61 10.93 -5.32
C ASP A 379 29.93 10.01 -6.33
N VAL A 380 28.60 9.92 -6.33
CA VAL A 380 27.92 8.98 -7.25
C VAL A 380 28.22 9.38 -8.68
N PRO A 381 28.57 8.46 -9.57
CA PRO A 381 29.01 8.88 -10.91
C PRO A 381 27.92 9.52 -11.77
N LEU A 382 26.68 9.07 -11.65
CA LEU A 382 25.61 9.50 -12.56
C LEU A 382 24.31 9.51 -11.76
N ALA A 383 23.69 10.68 -11.68
CA ALA A 383 22.42 10.84 -11.00
C ALA A 383 21.45 11.45 -11.98
N VAL A 384 20.34 10.75 -12.22
CA VAL A 384 19.35 11.12 -13.21
C VAL A 384 18.08 11.55 -12.51
N ASP A 385 17.61 12.76 -12.86
CA ASP A 385 16.37 13.33 -12.33
C ASP A 385 15.29 13.36 -13.40
N PHE A 386 14.17 12.72 -13.11
CA PHE A 386 12.94 12.86 -13.88
C PHE A 386 12.02 13.75 -13.05
N GLU A 387 11.68 14.95 -13.58
CA GLU A 387 10.97 15.97 -12.79
C GLU A 387 9.68 16.41 -13.48
N VAL A 388 8.58 16.29 -12.77
CA VAL A 388 7.31 16.88 -13.18
C VAL A 388 7.30 18.32 -12.67
N ALA A 389 7.60 19.26 -13.57
CA ALA A 389 7.66 20.69 -13.24
C ALA A 389 6.60 21.41 -14.07
N GLY A 390 5.50 21.77 -13.44
CA GLY A 390 4.43 22.42 -14.16
C GLY A 390 3.65 21.41 -14.98
N GLU A 391 3.41 21.75 -16.24
CA GLU A 391 2.86 20.79 -17.18
C GLU A 391 3.94 20.19 -18.07
N ARG A 392 5.18 20.10 -17.56
CA ARG A 392 6.32 19.67 -18.36
C ARG A 392 7.07 18.53 -17.67
N LEU A 393 7.55 17.60 -18.48
CA LEU A 393 8.47 16.58 -17.96
C LEU A 393 9.89 17.08 -18.25
N GLU A 394 10.68 17.24 -17.20
CA GLU A 394 12.07 17.65 -17.32
C GLU A 394 12.92 16.45 -16.94
N VAL A 395 13.87 16.10 -17.81
CA VAL A 395 14.81 15.02 -17.54
C VAL A 395 16.22 15.58 -17.70
N GLY A 396 17.08 15.29 -16.72
CA GLY A 396 18.48 15.62 -16.81
C GLY A 396 19.28 14.80 -15.83
N PHE A 397 20.59 14.93 -15.93
CA PHE A 397 21.48 14.19 -15.02
C PHE A 397 22.73 15.01 -14.74
N GLN A 398 23.31 14.74 -13.59
CA GLN A 398 24.62 15.24 -13.20
C GLN A 398 25.61 14.09 -13.15
N TYR A 399 26.85 14.37 -13.53
CA TYR A 399 27.83 13.31 -13.61
C TYR A 399 29.20 13.84 -13.24
N ALA A 400 30.09 12.88 -12.95
CA ALA A 400 31.46 13.14 -12.50
C ALA A 400 32.30 13.40 -13.75
N ALA A 401 32.36 14.67 -14.16
CA ALA A 401 33.06 15.04 -15.39
C ALA A 401 34.54 14.70 -15.29
N GLY A 402 35.07 14.63 -14.07
CA GLY A 402 36.42 14.14 -13.85
C GLY A 402 36.61 12.69 -14.19
N ARG A 403 35.52 11.91 -14.30
CA ARG A 403 35.61 10.48 -14.56
C ARG A 403 34.90 10.02 -15.83
N PHE A 404 34.06 10.85 -16.43
CA PHE A 404 33.11 10.42 -17.45
C PHE A 404 33.21 11.41 -18.59
N PRO A 405 33.72 11.00 -19.76
CA PRO A 405 33.95 11.98 -20.84
C PRO A 405 32.64 12.64 -21.26
N ALA A 406 32.71 13.95 -21.55
CA ALA A 406 31.49 14.66 -21.93
C ALA A 406 30.89 14.10 -23.21
N GLU A 407 31.72 13.53 -24.08
CA GLU A 407 31.19 12.90 -25.29
C GLU A 407 30.32 11.69 -24.94
N ARG A 408 30.70 10.93 -23.91
CA ARG A 408 29.83 9.83 -23.48
C ARG A 408 28.56 10.37 -22.83
N ALA A 409 28.66 11.43 -22.02
CA ALA A 409 27.44 12.00 -21.44
C ALA A 409 26.46 12.45 -22.52
N GLU A 410 26.96 13.06 -23.59
CA GLU A 410 26.02 13.44 -24.65
C GLU A 410 25.50 12.19 -25.35
N ALA A 411 26.29 11.12 -25.46
CA ALA A 411 25.72 9.90 -26.02
C ALA A 411 24.60 9.37 -25.12
N LEU A 412 24.85 9.36 -23.81
CA LEU A 412 23.86 8.89 -22.85
C LEU A 412 22.58 9.70 -22.95
N ALA A 413 22.68 11.02 -23.06
CA ALA A 413 21.48 11.85 -23.22
C ALA A 413 20.67 11.44 -24.45
N GLY A 414 21.35 11.11 -25.56
CA GLY A 414 20.64 10.63 -26.74
C GLY A 414 19.89 9.34 -26.46
N ALA A 415 20.50 8.46 -25.65
CA ALA A 415 19.81 7.23 -25.30
C ALA A 415 18.55 7.51 -24.51
N TYR A 416 18.59 8.49 -23.60
CA TYR A 416 17.39 8.83 -22.84
C TYR A 416 16.32 9.42 -23.74
N ARG A 417 16.72 10.27 -24.70
CA ARG A 417 15.73 10.77 -25.65
C ARG A 417 15.14 9.61 -26.43
N GLU A 418 15.99 8.71 -26.93
CA GLU A 418 15.47 7.56 -27.68
C GLU A 418 14.50 6.74 -26.84
N ALA A 419 14.79 6.58 -25.55
CA ALA A 419 13.92 5.77 -24.71
C ALA A 419 12.56 6.41 -24.53
N LEU A 420 12.54 7.71 -24.31
CA LEU A 420 11.28 8.41 -24.18
C LEU A 420 10.47 8.33 -25.46
N LEU A 421 11.13 8.46 -26.62
CA LEU A 421 10.43 8.29 -27.89
C LEU A 421 9.85 6.89 -28.03
N ALA A 422 10.63 5.87 -27.66
CA ALA A 422 10.12 4.51 -27.75
C ALA A 422 8.90 4.30 -26.89
N LEU A 423 8.80 5.00 -25.74
CA LEU A 423 7.58 4.96 -24.95
C LEU A 423 6.39 5.54 -25.69
N LEU A 424 6.59 6.63 -26.41
CA LEU A 424 5.47 7.28 -27.07
C LEU A 424 5.06 6.53 -28.34
N GLY A 425 6.05 6.00 -29.07
CA GLY A 425 5.77 5.14 -30.20
C GLY A 425 5.57 5.87 -31.53
N ASP A 426 6.33 6.94 -31.74
CA ASP A 426 6.20 7.69 -32.99
C ASP A 426 7.16 7.13 -34.05
N PRO B 5 -10.55 -46.86 -1.75
CA PRO B 5 -9.48 -45.89 -2.03
C PRO B 5 -8.41 -46.46 -2.98
N GLU B 6 -8.30 -45.99 -4.23
CA GLU B 6 -7.25 -46.47 -5.13
C GLU B 6 -6.80 -45.10 -5.68
N GLY B 7 -5.66 -44.65 -5.14
CA GLY B 7 -4.93 -43.47 -5.57
C GLY B 7 -5.17 -42.39 -4.54
N LEU B 8 -4.14 -41.65 -4.13
CA LEU B 8 -4.35 -40.42 -3.37
C LEU B 8 -3.38 -39.34 -3.88
N ASP B 9 -3.87 -38.10 -3.94
CA ASP B 9 -3.13 -36.96 -4.44
C ASP B 9 -2.35 -36.23 -3.36
N ASP B 10 -2.91 -36.11 -2.14
CA ASP B 10 -2.33 -35.24 -1.12
C ASP B 10 -3.15 -35.43 0.15
N ALA B 11 -2.58 -34.98 1.27
CA ALA B 11 -3.24 -34.97 2.56
C ALA B 11 -2.55 -33.97 3.48
N TYR B 12 -3.33 -33.36 4.36
CA TYR B 12 -2.79 -32.37 5.28
C TYR B 12 -3.89 -31.99 6.28
N PRO B 13 -3.51 -31.41 7.41
CA PRO B 13 -4.49 -31.12 8.45
C PRO B 13 -5.61 -30.17 8.02
N MET B 14 -6.73 -30.32 8.76
CA MET B 14 -7.87 -29.41 8.69
C MET B 14 -7.58 -28.16 9.52
N THR B 15 -8.08 -27.03 9.03
CA THR B 15 -7.79 -25.76 9.70
C THR B 15 -8.54 -25.63 11.02
N SER B 16 -8.18 -24.58 11.76
CA SER B 16 -8.86 -24.37 13.03
C SER B 16 -10.34 -24.06 12.81
N LEU B 17 -10.69 -23.24 11.83
CA LEU B 17 -12.09 -22.99 11.57
C LEU B 17 -12.78 -24.29 11.14
N GLN B 18 -12.11 -25.10 10.31
CA GLN B 18 -12.69 -26.31 9.77
C GLN B 18 -13.09 -27.28 10.88
N GLN B 19 -12.17 -27.55 11.81
CA GLN B 19 -12.46 -28.40 12.97
C GLN B 19 -13.62 -27.86 13.81
N GLY B 20 -13.55 -26.59 14.20
CA GLY B 20 -14.64 -26.03 14.99
C GLY B 20 -16.00 -26.24 14.34
N MET B 21 -16.07 -26.08 13.03
CA MET B 21 -17.38 -26.13 12.38
C MET B 21 -17.93 -27.54 12.34
N LEU B 22 -17.10 -28.51 11.95
CA LEU B 22 -17.52 -29.90 11.91
C LEU B 22 -17.79 -30.47 13.30
N LEU B 23 -17.03 -30.04 14.31
CA LEU B 23 -17.38 -30.41 15.66
C LEU B 23 -18.73 -29.81 16.05
N GLN B 24 -18.91 -28.52 15.76
CA GLN B 24 -20.23 -27.93 16.01
C GLN B 24 -21.31 -28.70 15.25
N SER B 25 -20.95 -29.30 14.12
CA SER B 25 -21.97 -29.98 13.31
C SER B 25 -22.20 -31.40 13.80
N GLU B 26 -21.18 -32.06 14.35
CA GLU B 26 -21.40 -33.38 14.92
C GLU B 26 -21.92 -33.29 16.35
N ALA B 27 -21.67 -32.19 17.06
CA ALA B 27 -22.22 -32.03 18.41
C ALA B 27 -23.73 -31.94 18.35
N SER B 28 -24.28 -31.21 17.38
CA SER B 28 -25.64 -31.44 16.92
C SER B 28 -25.61 -32.57 15.90
N GLY B 29 -26.77 -33.00 15.47
CA GLY B 29 -26.80 -34.03 14.45
C GLY B 29 -27.48 -33.50 13.22
N ASP B 30 -27.66 -32.19 13.18
CA ASP B 30 -28.57 -31.55 12.24
C ASP B 30 -27.85 -31.27 10.93
N PRO B 31 -28.14 -32.00 9.86
CA PRO B 31 -27.45 -31.74 8.59
C PRO B 31 -27.71 -30.35 8.01
N ARG B 32 -28.67 -29.60 8.55
CA ARG B 32 -28.95 -28.24 8.12
C ARG B 32 -27.96 -27.22 8.68
N LEU B 33 -27.28 -27.56 9.79
CA LEU B 33 -26.38 -26.61 10.41
C LEU B 33 -25.21 -26.32 9.48
N LEU B 34 -24.91 -25.03 9.29
CA LEU B 34 -23.76 -24.60 8.50
C LEU B 34 -23.84 -25.17 7.08
N HIS B 35 -25.07 -25.34 6.59
CA HIS B 35 -25.34 -26.02 5.34
C HIS B 35 -25.93 -24.97 4.40
N ASN B 36 -25.10 -24.44 3.52
CA ASN B 36 -25.56 -23.41 2.61
C ASN B 36 -26.20 -24.03 1.38
N VAL B 37 -27.23 -23.37 0.89
CA VAL B 37 -27.98 -23.84 -0.27
C VAL B 37 -28.48 -22.60 -0.99
N VAL B 38 -28.19 -22.52 -2.29
CA VAL B 38 -28.53 -21.37 -3.13
C VAL B 38 -29.00 -21.87 -4.49
N LEU B 39 -29.99 -21.21 -5.06
CA LEU B 39 -30.39 -21.44 -6.45
C LEU B 39 -30.05 -20.20 -7.27
N HIS B 40 -29.30 -20.39 -8.35
CA HIS B 40 -28.84 -19.33 -9.24
C HIS B 40 -29.66 -19.41 -10.52
N GLU B 41 -30.17 -18.26 -10.96
CA GLU B 41 -30.85 -18.18 -12.25
C GLU B 41 -29.82 -18.04 -13.37
N VAL B 42 -29.83 -18.98 -14.31
CA VAL B 42 -28.93 -18.96 -15.46
C VAL B 42 -29.75 -18.85 -16.74
N HIS B 43 -29.53 -17.78 -17.50
CA HIS B 43 -30.12 -17.61 -18.82
C HIS B 43 -29.25 -18.27 -19.87
N GLY B 44 -29.76 -19.31 -20.51
CA GLY B 44 -29.06 -19.97 -21.59
C GLY B 44 -29.49 -21.41 -21.72
N ARG B 45 -29.04 -22.04 -22.80
CA ARG B 45 -29.42 -23.43 -23.06
C ARG B 45 -28.89 -24.31 -21.94
N LEU B 46 -29.69 -25.30 -21.55
CA LEU B 46 -29.27 -26.29 -20.59
C LEU B 46 -28.86 -27.56 -21.32
N ASP B 47 -27.63 -27.99 -21.09
CA ASP B 47 -27.11 -29.25 -21.60
C ASP B 47 -26.54 -29.98 -20.39
N GLY B 48 -27.33 -30.92 -19.85
CA GLY B 48 -26.96 -31.60 -18.63
C GLY B 48 -25.68 -32.38 -18.72
N GLU B 49 -25.28 -32.77 -19.94
CA GLU B 49 -24.02 -33.49 -20.13
C GLU B 49 -22.84 -32.54 -20.16
N LEU B 50 -22.97 -31.43 -20.88
CA LEU B 50 -21.94 -30.41 -20.88
C LEU B 50 -21.78 -29.78 -19.51
N LEU B 51 -22.90 -29.65 -18.77
CA LEU B 51 -22.83 -29.02 -17.46
C LEU B 51 -22.07 -29.90 -16.49
N ALA B 52 -22.39 -31.19 -16.47
CA ALA B 52 -21.60 -32.14 -15.69
C ALA B 52 -20.15 -32.13 -16.13
N ARG B 53 -19.89 -31.95 -17.43
CA ARG B 53 -18.50 -31.99 -17.88
C ARG B 53 -17.73 -30.76 -17.39
N ALA B 54 -18.39 -29.59 -17.36
CA ALA B 54 -17.75 -28.40 -16.80
C ALA B 54 -17.46 -28.60 -15.32
N TRP B 55 -18.35 -29.26 -14.59
CA TRP B 55 -18.11 -29.58 -13.18
C TRP B 55 -16.94 -30.54 -13.02
N ALA B 56 -16.86 -31.56 -13.89
CA ALA B 56 -15.68 -32.43 -13.93
C ALA B 56 -14.40 -31.61 -14.05
N ILE B 57 -14.40 -30.63 -14.95
CA ILE B 57 -13.22 -29.77 -15.17
C ILE B 57 -12.88 -28.99 -13.89
N LEU B 58 -13.89 -28.42 -13.24
CA LEU B 58 -13.65 -27.72 -11.98
C LEU B 58 -13.13 -28.68 -10.93
N ILE B 59 -13.67 -29.89 -10.91
CA ILE B 59 -13.24 -30.85 -9.90
C ILE B 59 -11.75 -31.19 -10.07
N GLY B 60 -11.31 -31.30 -11.31
CA GLY B 60 -9.93 -31.66 -11.56
C GLY B 60 -8.95 -30.54 -11.29
N ARG B 61 -9.42 -29.30 -11.28
CA ARG B 61 -8.57 -28.15 -11.07
C ARG B 61 -8.43 -27.72 -9.62
N HIS B 62 -9.34 -28.14 -8.73
CA HIS B 62 -9.42 -27.60 -7.37
C HIS B 62 -9.44 -28.68 -6.32
N ALA B 63 -8.37 -28.72 -5.52
CA ALA B 63 -8.20 -29.77 -4.53
C ALA B 63 -9.34 -29.81 -3.51
N ILE B 64 -9.85 -28.63 -3.14
CA ILE B 64 -10.91 -28.61 -2.11
C ILE B 64 -12.13 -29.40 -2.57
N LEU B 65 -12.36 -29.48 -3.89
CA LEU B 65 -13.47 -30.22 -4.45
C LEU B 65 -13.21 -31.72 -4.54
N ARG B 66 -12.01 -32.18 -4.19
CA ARG B 66 -11.67 -33.60 -4.18
C ARG B 66 -11.33 -34.06 -2.77
N THR B 67 -11.72 -33.24 -1.78
CA THR B 67 -11.29 -33.39 -0.40
C THR B 67 -12.37 -34.06 0.43
N GLY B 68 -11.96 -35.06 1.20
CA GLY B 68 -12.75 -35.59 2.27
C GLY B 68 -12.14 -35.26 3.61
N PHE B 69 -12.96 -35.22 4.65
CA PHE B 69 -12.57 -34.78 5.98
C PHE B 69 -12.57 -35.96 6.94
N ASP B 70 -11.43 -36.16 7.63
CA ASP B 70 -11.25 -37.26 8.59
C ASP B 70 -10.99 -36.60 9.95
N LEU B 71 -12.03 -36.45 10.74
CA LEU B 71 -11.90 -35.76 12.01
C LEU B 71 -11.18 -36.59 13.08
N HIS B 72 -11.26 -37.94 13.02
CA HIS B 72 -10.84 -38.75 14.16
C HIS B 72 -9.97 -39.96 13.84
N GLY B 73 -9.72 -40.26 12.57
CA GLY B 73 -8.83 -41.35 12.22
C GLY B 73 -7.35 -41.15 12.55
N GLY B 74 -7.06 -40.39 13.61
CA GLY B 74 -5.69 -40.14 14.02
C GLY B 74 -5.62 -38.92 14.94
N GLN B 75 -4.38 -38.64 15.37
CA GLN B 75 -4.17 -37.55 16.32
C GLN B 75 -4.55 -36.19 15.72
N VAL B 76 -4.45 -36.05 14.40
CA VAL B 76 -4.67 -34.76 13.73
C VAL B 76 -5.84 -34.89 12.77
N PRO B 77 -6.92 -34.14 12.95
CA PRO B 77 -7.96 -34.09 11.90
C PRO B 77 -7.38 -33.71 10.55
N LEU B 78 -7.66 -34.56 9.54
CA LEU B 78 -6.97 -34.49 8.25
C LEU B 78 -7.93 -34.26 7.08
N GLN B 79 -7.44 -33.52 6.09
CA GLN B 79 -8.03 -33.45 4.76
C GLN B 79 -7.33 -34.44 3.83
N TRP B 80 -8.10 -35.35 3.25
CA TRP B 80 -7.63 -36.26 2.22
C TRP B 80 -8.05 -35.71 0.85
N VAL B 81 -7.07 -35.48 -0.03
CA VAL B 81 -7.33 -35.04 -1.40
C VAL B 81 -7.28 -36.23 -2.33
N HIS B 82 -8.36 -36.53 -2.91
CA HIS B 82 -8.45 -37.68 -3.79
C HIS B 82 -8.07 -37.30 -5.21
N PRO B 83 -7.56 -38.23 -6.02
CA PRO B 83 -7.29 -37.90 -7.42
C PRO B 83 -8.58 -37.71 -8.17
N ALA B 84 -8.52 -36.90 -9.22
CA ALA B 84 -9.73 -36.62 -9.99
C ALA B 84 -10.33 -37.91 -10.53
N THR B 85 -9.52 -38.94 -10.75
CA THR B 85 -10.03 -40.14 -11.39
C THR B 85 -11.00 -40.90 -10.51
N ALA B 86 -10.94 -40.66 -9.20
CA ALA B 86 -11.83 -41.33 -8.25
C ALA B 86 -12.97 -40.42 -7.79
N VAL B 87 -13.10 -39.22 -8.34
CA VAL B 87 -14.06 -38.23 -7.84
C VAL B 87 -15.15 -38.07 -8.88
N ALA B 88 -16.40 -38.35 -8.50
CA ALA B 88 -17.51 -38.32 -9.45
C ALA B 88 -18.05 -36.90 -9.61
N ALA B 89 -18.33 -36.52 -10.85
CA ALA B 89 -18.93 -35.24 -11.16
C ALA B 89 -20.39 -35.42 -11.57
N GLU B 90 -21.31 -35.21 -10.63
CA GLU B 90 -22.74 -35.47 -10.84
C GLU B 90 -23.52 -34.16 -10.76
N VAL B 91 -24.29 -33.87 -11.82
CA VAL B 91 -25.20 -32.73 -11.83
C VAL B 91 -26.59 -33.23 -12.19
N PRO B 92 -27.41 -33.57 -11.19
CA PRO B 92 -28.79 -33.98 -11.46
C PRO B 92 -29.59 -32.90 -12.16
N VAL B 93 -30.34 -33.30 -13.18
CA VAL B 93 -31.19 -32.40 -13.96
C VAL B 93 -32.64 -32.70 -13.66
N HIS B 94 -33.40 -31.66 -13.26
CA HIS B 94 -34.83 -31.73 -13.02
C HIS B 94 -35.54 -30.82 -14.00
N ASP B 95 -36.68 -31.27 -14.52
CA ASP B 95 -37.40 -30.55 -15.56
C ASP B 95 -38.63 -29.91 -14.93
N LEU B 96 -38.62 -28.58 -14.85
CA LEU B 96 -39.77 -27.82 -14.39
C LEU B 96 -40.37 -26.97 -15.52
N CYS B 97 -40.14 -27.39 -16.76
CA CYS B 97 -40.67 -26.66 -17.90
C CYS B 97 -42.14 -26.98 -18.09
N GLY B 98 -42.86 -26.06 -18.68
CA GLY B 98 -44.30 -26.23 -18.78
C GLY B 98 -44.97 -26.33 -17.43
N LEU B 99 -44.59 -25.44 -16.51
CA LEU B 99 -45.23 -25.31 -15.21
C LEU B 99 -45.61 -23.84 -15.02
N ASP B 100 -46.52 -23.60 -14.10
CA ASP B 100 -46.96 -22.26 -13.78
C ASP B 100 -46.04 -21.65 -12.74
N GLY B 101 -46.12 -20.32 -12.62
CA GLY B 101 -45.24 -19.61 -11.70
C GLY B 101 -45.23 -20.20 -10.29
N GLU B 102 -46.42 -20.46 -9.75
CA GLU B 102 -46.49 -20.88 -8.35
C GLU B 102 -46.07 -22.33 -8.16
N THR B 103 -46.48 -23.23 -9.07
CA THR B 103 -46.00 -24.60 -8.99
C THR B 103 -44.49 -24.66 -9.16
N ARG B 104 -43.93 -23.82 -10.04
CA ARG B 104 -42.49 -23.80 -10.26
C ARG B 104 -41.76 -23.34 -9.01
N ARG B 105 -42.30 -22.34 -8.32
CA ARG B 105 -41.61 -21.82 -7.14
C ARG B 105 -41.77 -22.77 -5.95
N LEU B 106 -42.93 -23.38 -5.80
CA LEU B 106 -43.06 -24.39 -4.76
C LEU B 106 -41.98 -25.43 -4.92
N ARG B 107 -41.68 -25.81 -6.15
CA ARG B 107 -40.77 -26.93 -6.37
C ARG B 107 -39.31 -26.52 -6.20
N LEU B 108 -38.94 -25.31 -6.62
CA LEU B 108 -37.62 -24.79 -6.28
C LEU B 108 -37.42 -24.81 -4.76
N ARG B 109 -38.42 -24.28 -4.02
CA ARG B 109 -38.35 -24.27 -2.56
C ARG B 109 -38.21 -25.68 -2.00
N ALA B 110 -38.96 -26.63 -2.55
CA ALA B 110 -38.82 -28.01 -2.10
C ALA B 110 -37.43 -28.57 -2.41
N TRP B 111 -36.82 -28.17 -3.53
CA TRP B 111 -35.45 -28.62 -3.78
C TRP B 111 -34.51 -28.07 -2.70
N ILE B 112 -34.58 -26.76 -2.46
CA ILE B 112 -33.83 -26.16 -1.37
C ILE B 112 -33.98 -26.99 -0.10
N GLU B 113 -35.22 -27.10 0.40
CA GLU B 113 -35.39 -27.64 1.75
C GLU B 113 -34.97 -29.10 1.82
N GLU B 114 -35.20 -29.86 0.76
CA GLU B 114 -34.72 -31.23 0.70
C GLU B 114 -33.20 -31.29 0.74
N GLU B 115 -32.53 -30.43 -0.04
CA GLU B 115 -31.07 -30.42 -0.04
C GLU B 115 -30.55 -30.07 1.35
N GLN B 116 -31.15 -29.06 1.99
CA GLN B 116 -30.64 -28.64 3.29
C GLN B 116 -30.68 -29.78 4.29
N ALA B 117 -31.69 -30.65 4.17
CA ALA B 117 -31.85 -31.76 5.09
C ALA B 117 -30.96 -32.95 4.76
N THR B 118 -30.24 -32.92 3.65
CA THR B 118 -29.48 -34.07 3.21
C THR B 118 -28.06 -33.99 3.76
N PRO B 119 -27.65 -34.89 4.65
CA PRO B 119 -26.32 -34.78 5.24
C PRO B 119 -25.25 -35.15 4.25
N PHE B 120 -24.06 -34.63 4.50
CA PHE B 120 -22.91 -34.94 3.66
C PHE B 120 -22.23 -36.21 4.18
N ASP B 121 -21.73 -37.01 3.26
CA ASP B 121 -20.78 -38.08 3.58
C ASP B 121 -19.39 -37.45 3.53
N TRP B 122 -18.82 -37.15 4.70
CA TRP B 122 -17.60 -36.35 4.79
C TRP B 122 -16.40 -37.02 4.15
N SER B 123 -16.46 -38.34 3.95
CA SER B 123 -15.32 -39.06 3.40
C SER B 123 -15.39 -39.20 1.90
N ARG B 124 -16.40 -38.62 1.25
CA ARG B 124 -16.59 -38.83 -0.18
C ARG B 124 -16.78 -37.50 -0.90
N PRO B 125 -15.73 -36.96 -1.50
CA PRO B 125 -15.87 -35.74 -2.29
C PRO B 125 -16.74 -35.98 -3.52
N PRO B 126 -17.22 -34.91 -4.16
CA PRO B 126 -17.04 -33.54 -3.67
C PRO B 126 -17.94 -33.23 -2.47
N LEU B 127 -17.53 -32.30 -1.63
CA LEU B 127 -18.37 -31.78 -0.56
C LEU B 127 -19.18 -30.56 -1.02
N VAL B 128 -19.15 -30.28 -2.32
CA VAL B 128 -20.06 -29.37 -2.99
C VAL B 128 -20.97 -30.22 -3.87
N ARG B 129 -22.27 -29.96 -3.82
CA ARG B 129 -23.27 -30.63 -4.65
C ARG B 129 -23.95 -29.62 -5.55
N LEU B 130 -24.35 -30.07 -6.73
CA LEU B 130 -24.99 -29.19 -7.70
C LEU B 130 -26.25 -29.82 -8.29
N ALA B 131 -27.05 -28.98 -8.96
CA ALA B 131 -28.22 -29.47 -9.66
C ALA B 131 -28.68 -28.41 -10.64
N ALA B 132 -29.35 -28.85 -11.69
CA ALA B 132 -29.90 -27.97 -12.71
C ALA B 132 -31.40 -28.22 -12.78
N LEU B 133 -32.18 -27.18 -12.59
CA LEU B 133 -33.65 -27.25 -12.66
C LEU B 133 -34.08 -26.46 -13.87
N ALA B 134 -34.57 -27.16 -14.89
CA ALA B 134 -35.00 -26.49 -16.12
C ALA B 134 -36.28 -25.69 -15.88
N LEU B 135 -36.26 -24.44 -16.29
CA LEU B 135 -37.41 -23.55 -16.09
C LEU B 135 -38.18 -23.03 -17.31
N ASP B 136 -37.50 -22.77 -18.42
CA ASP B 136 -38.03 -22.77 -19.77
C ASP B 136 -36.87 -23.06 -20.74
N GLU B 137 -37.11 -22.89 -22.03
CA GLU B 137 -36.12 -23.28 -23.03
C GLU B 137 -34.86 -22.42 -22.97
N ARG B 138 -34.95 -21.20 -22.41
CA ARG B 138 -33.81 -20.28 -22.38
C ARG B 138 -33.34 -20.00 -20.94
N ARG B 139 -33.67 -20.87 -19.99
CA ARG B 139 -33.44 -20.49 -18.60
C ARG B 139 -33.52 -21.71 -17.71
N PHE B 140 -32.58 -21.80 -16.76
CA PHE B 140 -32.62 -22.85 -15.76
C PHE B 140 -32.04 -22.33 -14.46
N ALA B 141 -32.19 -23.13 -13.41
CA ALA B 141 -31.72 -22.79 -12.08
C ALA B 141 -30.58 -23.71 -11.72
N LEU B 142 -29.47 -23.14 -11.24
CA LEU B 142 -28.33 -23.92 -10.79
C LEU B 142 -28.35 -24.00 -9.26
N GLY B 143 -28.43 -25.22 -8.73
CA GLY B 143 -28.40 -25.43 -7.31
C GLY B 143 -26.96 -25.67 -6.87
N VAL B 144 -26.53 -24.94 -5.85
CA VAL B 144 -25.20 -25.08 -5.29
C VAL B 144 -25.33 -25.19 -3.79
N ALA B 145 -24.76 -26.25 -3.22
CA ALA B 145 -24.86 -26.50 -1.80
C ALA B 145 -23.55 -27.06 -1.29
N GLU B 146 -23.18 -26.64 -0.08
CA GLU B 146 -21.94 -27.05 0.57
C GLU B 146 -21.98 -26.65 2.03
N HIS B 147 -21.22 -27.37 2.83
CA HIS B 147 -21.00 -27.00 4.22
C HIS B 147 -20.10 -25.78 4.29
N HIS B 148 -20.26 -25.02 5.35
CA HIS B 148 -19.45 -23.84 5.56
C HIS B 148 -17.97 -24.15 5.73
N SER B 149 -17.62 -25.38 6.12
CA SER B 149 -16.24 -25.79 6.33
C SER B 149 -15.46 -25.98 5.03
N VAL B 150 -16.12 -25.84 3.89
CA VAL B 150 -15.54 -26.16 2.60
C VAL B 150 -15.17 -24.92 1.81
N LEU B 151 -16.09 -23.95 1.70
CA LEU B 151 -15.83 -22.76 0.91
C LEU B 151 -16.23 -21.52 1.69
N ASP B 152 -15.39 -20.50 1.65
CA ASP B 152 -15.80 -19.18 2.09
C ASP B 152 -16.57 -18.48 0.95
N GLY B 153 -17.08 -17.28 1.23
CA GLY B 153 -17.92 -16.57 0.27
C GLY B 153 -17.21 -16.19 -1.02
N TRP B 154 -15.99 -15.68 -0.90
CA TRP B 154 -15.16 -15.42 -2.07
C TRP B 154 -14.98 -16.67 -2.93
N SER B 155 -14.61 -17.80 -2.32
CA SER B 155 -14.38 -19.02 -3.10
C SER B 155 -15.69 -19.51 -3.75
N LEU B 156 -16.81 -19.41 -3.04
CA LEU B 156 -18.09 -19.81 -3.61
C LEU B 156 -18.42 -18.98 -4.85
N GLN B 157 -18.27 -17.66 -4.76
CA GLN B 157 -18.39 -16.81 -5.95
C GLN B 157 -17.41 -17.23 -7.05
N SER B 158 -16.12 -17.38 -6.74
CA SER B 158 -15.17 -17.78 -7.77
C SER B 158 -15.57 -19.12 -8.39
N LEU B 159 -16.12 -20.02 -7.60
CA LEU B 159 -16.50 -21.32 -8.12
C LEU B 159 -17.62 -21.19 -9.14
N VAL B 160 -18.65 -20.43 -8.79
CA VAL B 160 -19.83 -20.28 -9.65
C VAL B 160 -19.45 -19.60 -10.95
N ASP B 161 -18.71 -18.48 -10.87
CA ASP B 161 -18.29 -17.77 -12.09
C ASP B 161 -17.45 -18.65 -13.01
N GLU B 162 -16.52 -19.44 -12.45
CA GLU B 162 -15.69 -20.28 -13.31
C GLU B 162 -16.51 -21.43 -13.88
N LEU B 163 -17.42 -21.97 -13.08
CA LEU B 163 -18.29 -23.03 -13.58
C LEU B 163 -19.08 -22.55 -14.77
N LEU B 164 -19.60 -21.34 -14.69
CA LEU B 164 -20.45 -20.84 -15.77
C LEU B 164 -19.60 -20.52 -16.99
N ALA B 165 -18.40 -19.96 -16.76
CA ALA B 165 -17.51 -19.61 -17.87
C ALA B 165 -17.05 -20.85 -18.64
N VAL B 166 -16.68 -21.90 -17.91
CA VAL B 166 -16.25 -23.14 -18.55
C VAL B 166 -17.42 -23.75 -19.34
N TYR B 167 -18.59 -23.83 -18.70
CA TYR B 167 -19.79 -24.30 -19.37
C TYR B 167 -20.12 -23.48 -20.60
N ALA B 168 -20.02 -22.16 -20.50
CA ALA B 168 -20.23 -21.31 -21.66
C ALA B 168 -19.26 -21.64 -22.79
N ASP B 169 -18.01 -21.96 -22.45
CA ASP B 169 -17.03 -22.35 -23.45
C ASP B 169 -17.46 -23.63 -24.14
N LEU B 170 -17.93 -24.59 -23.35
CA LEU B 170 -18.27 -25.90 -23.90
C LEU B 170 -19.49 -25.80 -24.81
N LEU B 171 -20.47 -24.95 -24.47
CA LEU B 171 -21.63 -24.76 -25.32
C LEU B 171 -21.20 -24.18 -26.68
N ALA B 172 -20.32 -23.21 -26.66
CA ALA B 172 -19.81 -22.61 -27.89
C ALA B 172 -18.78 -23.49 -28.61
N GLY B 173 -18.40 -24.63 -28.04
CA GLY B 173 -17.48 -25.53 -28.70
C GLY B 173 -16.06 -25.03 -28.81
N VAL B 174 -15.62 -24.17 -27.87
CA VAL B 174 -14.22 -23.79 -27.77
C VAL B 174 -13.63 -24.42 -26.51
N VAL B 175 -12.29 -24.43 -26.44
CA VAL B 175 -11.61 -25.07 -25.32
C VAL B 175 -11.97 -24.33 -24.02
N ALA B 176 -12.03 -25.08 -22.93
CA ALA B 176 -12.35 -24.50 -21.63
C ALA B 176 -11.24 -23.56 -21.21
N ARG B 177 -11.57 -22.30 -20.96
CA ARG B 177 -10.56 -21.38 -20.47
C ARG B 177 -9.97 -21.88 -19.14
N GLU B 178 -8.71 -21.54 -18.90
CA GLU B 178 -8.08 -21.84 -17.61
C GLU B 178 -7.09 -20.75 -17.25
N ALA B 179 -7.15 -20.29 -16.00
CA ALA B 179 -6.20 -19.31 -15.53
C ALA B 179 -4.86 -19.99 -15.24
N GLU B 180 -3.81 -19.16 -15.21
CA GLU B 180 -2.50 -19.63 -14.77
C GLU B 180 -2.62 -20.37 -13.44
N ALA B 181 -1.95 -21.50 -13.35
CA ALA B 181 -1.94 -22.27 -12.10
C ALA B 181 -1.31 -21.45 -10.98
N PRO B 182 -1.91 -21.38 -9.80
CA PRO B 182 -1.30 -20.62 -8.71
C PRO B 182 -0.02 -21.29 -8.21
N ALA B 183 0.85 -20.48 -7.63
CA ALA B 183 2.12 -21.00 -7.14
C ALA B 183 1.95 -21.83 -5.88
N VAL B 184 0.87 -21.59 -5.12
CA VAL B 184 0.60 -22.27 -3.86
C VAL B 184 -0.75 -22.96 -3.94
N GLY B 185 -0.91 -24.01 -3.13
CA GLY B 185 -2.18 -24.63 -2.86
C GLY B 185 -2.66 -24.38 -1.43
N PHE B 186 -3.79 -25.01 -1.14
CA PHE B 186 -4.45 -24.83 0.15
C PHE B 186 -3.59 -25.34 1.28
N ARG B 187 -2.72 -26.29 0.99
CA ARG B 187 -1.80 -26.80 2.00
C ARG B 187 -0.92 -25.70 2.56
N ASP B 188 -0.70 -24.62 1.82
CA ASP B 188 0.21 -23.58 2.29
C ASP B 188 -0.49 -22.72 3.31
N TYR B 189 -1.78 -22.47 3.08
CA TYR B 189 -2.58 -21.79 4.09
C TYR B 189 -2.64 -22.61 5.37
N VAL B 190 -2.79 -23.92 5.26
CA VAL B 190 -2.87 -24.77 6.44
C VAL B 190 -1.60 -24.64 7.28
N ALA B 191 -0.44 -24.69 6.63
CA ALA B 191 0.86 -24.54 7.28
C ALA B 191 1.05 -23.13 7.81
N LEU B 192 0.61 -22.11 7.05
CA LEU B 192 0.72 -20.75 7.52
C LEU B 192 -0.06 -20.55 8.81
N GLU B 193 -1.25 -21.13 8.86
CA GLU B 193 -2.11 -20.98 10.02
C GLU B 193 -1.51 -21.68 11.23
N ARG B 194 -0.96 -22.89 11.04
CA ARG B 194 -0.41 -23.60 12.20
C ARG B 194 0.85 -22.95 12.73
N GLU B 195 1.68 -22.35 11.85
CA GLU B 195 2.80 -21.52 12.31
C GLU B 195 2.30 -20.30 13.09
N ALA B 196 1.28 -19.61 12.57
CA ALA B 196 0.75 -18.45 13.26
C ALA B 196 0.18 -18.85 14.61
N GLU B 197 -0.44 -20.02 14.67
CA GLU B 197 -1.02 -20.44 15.94
C GLU B 197 0.05 -20.60 17.00
N ALA B 198 1.22 -21.13 16.62
CA ALA B 198 2.33 -21.31 17.56
C ALA B 198 3.21 -20.06 17.69
N ASN B 199 2.85 -18.96 17.02
CA ASN B 199 3.68 -17.79 17.06
C ASN B 199 3.44 -17.02 18.34
N ALA B 200 4.47 -16.95 19.19
CA ALA B 200 4.35 -16.35 20.51
C ALA B 200 4.06 -14.86 20.40
N ALA B 201 4.73 -14.14 19.49
CA ALA B 201 4.48 -12.71 19.43
C ALA B 201 3.04 -12.40 18.98
N SER B 202 2.42 -13.28 18.19
CA SER B 202 1.03 -13.08 17.74
C SER B 202 0.04 -13.31 18.89
N ALA B 203 0.26 -14.37 19.68
CA ALA B 203 -0.60 -14.60 20.84
C ALA B 203 -0.52 -13.45 21.81
N LEU B 204 0.71 -12.96 22.04
CA LEU B 204 0.89 -11.81 22.91
C LEU B 204 0.28 -10.55 22.31
N PHE B 205 0.42 -10.37 21.00
CA PHE B 205 -0.24 -9.23 20.38
C PHE B 205 -1.73 -9.21 20.74
N TRP B 206 -2.42 -10.34 20.56
CA TRP B 206 -3.86 -10.31 20.79
C TRP B 206 -4.19 -10.16 22.27
N LEU B 207 -3.35 -10.74 23.13
CA LEU B 207 -3.59 -10.58 24.55
C LEU B 207 -3.39 -9.14 24.98
N ASP B 208 -2.32 -8.50 24.49
CA ASP B 208 -2.10 -7.11 24.86
C ASP B 208 -3.21 -6.23 24.28
N TYR B 209 -3.73 -6.56 23.08
CA TYR B 209 -4.75 -5.74 22.44
C TYR B 209 -6.05 -5.77 23.22
N LEU B 210 -6.43 -6.92 23.75
CA LEU B 210 -7.66 -7.08 24.48
C LEU B 210 -7.56 -6.73 25.95
N ALA B 211 -6.39 -6.36 26.44
CA ALA B 211 -6.21 -6.14 27.87
C ALA B 211 -7.01 -4.91 28.27
N GLY B 212 -7.85 -5.06 29.28
CA GLY B 212 -8.70 -3.97 29.71
C GLY B 212 -10.04 -3.93 29.00
N ALA B 213 -10.20 -4.71 27.94
CA ALA B 213 -11.49 -4.71 27.27
C ALA B 213 -12.55 -5.10 28.28
N ARG B 214 -13.60 -4.32 28.33
CA ARG B 214 -14.86 -4.77 28.89
C ARG B 214 -15.69 -5.21 27.69
N TYR B 215 -16.54 -6.19 27.88
CA TYR B 215 -17.36 -6.68 26.76
C TYR B 215 -18.72 -6.18 27.09
N ARG B 216 -18.98 -4.89 26.69
CA ARG B 216 -20.25 -4.20 26.84
C ARG B 216 -21.31 -4.95 26.06
N PRO B 217 -22.29 -5.54 26.72
CA PRO B 217 -23.21 -6.42 26.00
C PRO B 217 -24.21 -5.64 25.15
N LEU B 218 -24.83 -6.38 24.26
CA LEU B 218 -25.81 -5.84 23.33
C LEU B 218 -27.16 -5.75 24.03
N PRO B 219 -27.77 -4.57 24.11
CA PRO B 219 -29.13 -4.48 24.66
C PRO B 219 -30.04 -5.51 24.01
N GLY B 220 -30.99 -6.01 24.79
CA GLY B 220 -31.95 -7.01 24.32
C GLY B 220 -31.42 -8.33 23.80
N LEU B 221 -30.41 -8.89 24.47
CA LEU B 221 -29.68 -10.12 24.15
C LEU B 221 -28.92 -9.92 22.83
N MET B 229 -33.45 -18.08 12.04
CA MET B 229 -32.67 -16.93 11.61
C MET B 229 -33.45 -16.00 10.72
N ALA B 230 -33.30 -14.71 10.97
CA ALA B 230 -33.90 -13.66 10.16
C ALA B 230 -32.81 -12.77 9.58
N ALA B 231 -33.18 -12.05 8.53
CA ALA B 231 -32.28 -11.17 7.84
C ALA B 231 -32.97 -9.84 7.62
N VAL B 232 -32.21 -8.76 7.75
CA VAL B 232 -32.68 -7.40 7.51
C VAL B 232 -31.82 -6.71 6.46
N ARG B 233 -32.42 -5.76 5.75
CA ARG B 233 -31.70 -4.85 4.86
C ARG B 233 -31.67 -3.47 5.50
N VAL B 234 -30.52 -2.84 5.51
CA VAL B 234 -30.45 -1.45 5.94
C VAL B 234 -30.89 -0.59 4.76
N ASP B 235 -31.56 0.53 5.06
CA ASP B 235 -32.01 1.51 4.05
C ASP B 235 -30.85 2.47 3.75
N VAL B 236 -29.98 2.03 2.86
CA VAL B 236 -28.76 2.80 2.56
C VAL B 236 -29.10 4.02 1.72
N PRO B 237 -28.69 5.21 2.12
CA PRO B 237 -29.03 6.41 1.36
C PRO B 237 -28.45 6.37 -0.05
N ALA B 238 -29.10 7.18 -0.91
CA ALA B 238 -29.09 6.97 -2.34
C ALA B 238 -27.70 6.97 -2.95
N ASP B 239 -26.86 7.91 -2.57
CA ASP B 239 -25.53 7.98 -3.23
C ASP B 239 -24.40 7.67 -2.25
N SER B 240 -24.65 6.68 -1.39
CA SER B 240 -23.68 6.39 -0.34
C SER B 240 -22.36 5.92 -0.91
N LEU B 241 -22.39 4.97 -1.85
CA LEU B 241 -21.13 4.38 -2.34
C LEU B 241 -20.24 5.42 -3.01
N SER B 242 -20.79 6.19 -3.97
CA SER B 242 -19.96 7.19 -4.62
C SER B 242 -19.51 8.26 -3.64
N ARG B 243 -20.35 8.59 -2.66
CA ARG B 243 -19.84 9.52 -1.66
C ARG B 243 -18.74 8.86 -0.81
N LEU B 244 -18.78 7.55 -0.64
CA LEU B 244 -17.76 6.91 0.19
C LEU B 244 -16.44 6.87 -0.53
N ARG B 245 -16.46 6.52 -1.81
CA ARG B 245 -15.22 6.45 -2.58
C ARG B 245 -14.53 7.81 -2.65
N ALA B 246 -15.30 8.91 -2.73
CA ALA B 246 -14.68 10.22 -2.73
C ALA B 246 -14.06 10.53 -1.36
N LEU B 247 -14.80 10.24 -0.28
CA LEU B 247 -14.22 10.39 1.05
C LEU B 247 -12.98 9.53 1.21
N ALA B 248 -12.98 8.32 0.65
CA ALA B 248 -11.79 7.48 0.72
C ALA B 248 -10.59 8.17 0.10
N GLU B 249 -10.82 8.84 -1.03
CA GLU B 249 -9.72 9.52 -1.70
C GLU B 249 -9.31 10.79 -0.96
N ARG B 250 -10.26 11.61 -0.57
CA ARG B 250 -9.88 12.84 0.12
C ARG B 250 -9.12 12.54 1.41
N SER B 251 -9.55 11.53 2.16
CA SER B 251 -8.91 11.23 3.44
C SER B 251 -7.78 10.22 3.33
N GLY B 252 -7.64 9.54 2.20
CA GLY B 252 -6.65 8.49 2.12
C GLY B 252 -6.96 7.24 2.92
N LEU B 253 -8.15 7.12 3.50
CA LEU B 253 -8.50 5.94 4.28
C LEU B 253 -9.25 4.96 3.39
N PRO B 254 -9.01 3.66 3.54
CA PRO B 254 -9.71 2.69 2.69
C PRO B 254 -11.20 2.59 3.01
N LEU B 255 -11.94 2.08 2.02
CA LEU B 255 -13.38 1.91 2.18
C LEU B 255 -13.70 1.05 3.40
N ARG B 256 -13.01 -0.09 3.54
CA ARG B 256 -13.31 -0.96 4.68
C ARG B 256 -13.16 -0.22 5.99
N SER B 257 -12.14 0.64 6.12
CA SER B 257 -11.93 1.33 7.38
C SER B 257 -13.03 2.33 7.68
N LEU B 258 -13.53 3.04 6.66
CA LEU B 258 -14.62 3.98 6.90
C LEU B 258 -15.88 3.24 7.33
N LEU B 259 -16.15 2.11 6.68
CA LEU B 259 -17.37 1.37 7.04
C LEU B 259 -17.27 0.77 8.43
N LEU B 260 -16.06 0.34 8.83
CA LEU B 260 -15.88 -0.16 10.18
C LEU B 260 -16.12 0.94 11.19
N ALA B 261 -15.73 2.17 10.87
CA ALA B 261 -16.09 3.26 11.76
C ALA B 261 -17.61 3.41 11.85
N ALA B 262 -18.32 3.33 10.71
CA ALA B 262 -19.76 3.45 10.76
C ALA B 262 -20.37 2.31 11.57
N HIS B 263 -19.85 1.10 11.37
CA HIS B 263 -20.23 -0.07 12.16
C HIS B 263 -20.04 0.21 13.64
N GLY B 264 -18.89 0.77 14.00
CA GLY B 264 -18.67 1.14 15.39
C GLY B 264 -19.71 2.12 15.90
N ARG B 265 -20.01 3.15 15.12
CA ARG B 265 -20.97 4.15 15.59
C ARG B 265 -22.34 3.53 15.80
N ALA B 266 -22.81 2.76 14.83
CA ALA B 266 -24.12 2.14 14.97
C ALA B 266 -24.18 1.31 16.23
N LEU B 267 -23.14 0.50 16.47
CA LEU B 267 -23.18 -0.40 17.62
C LEU B 267 -23.05 0.39 18.93
N CYS B 268 -22.18 1.39 18.97
CA CYS B 268 -22.02 2.12 20.22
C CYS B 268 -23.31 2.86 20.62
N ARG B 269 -23.99 3.49 19.65
CA ARG B 269 -25.26 4.15 19.96
C ARG B 269 -26.30 3.16 20.44
N PHE B 270 -26.62 2.18 19.60
CA PHE B 270 -27.62 1.19 19.94
C PHE B 270 -27.38 0.60 21.32
N SER B 271 -26.11 0.40 21.68
CA SER B 271 -25.75 -0.23 22.93
C SER B 271 -25.53 0.77 24.05
N ASP B 272 -25.64 2.06 23.77
CA ASP B 272 -25.27 3.12 24.72
C ASP B 272 -23.96 2.78 25.44
N ALA B 273 -22.92 2.51 24.66
CA ALA B 273 -21.65 2.00 25.16
C ALA B 273 -20.52 2.95 24.82
N ASP B 274 -19.51 3.00 25.69
CA ASP B 274 -18.28 3.74 25.41
C ASP B 274 -17.38 2.97 24.44
N GLU B 275 -17.51 1.65 24.37
CA GLU B 275 -16.71 0.82 23.49
C GLU B 275 -17.52 -0.43 23.20
N VAL B 276 -17.36 -0.97 21.99
CA VAL B 276 -17.85 -2.31 21.70
C VAL B 276 -16.69 -3.12 21.15
N VAL B 277 -16.84 -4.44 21.24
CA VAL B 277 -15.89 -5.39 20.66
C VAL B 277 -16.65 -6.20 19.65
N THR B 278 -16.20 -6.15 18.42
CA THR B 278 -16.86 -6.82 17.32
C THR B 278 -15.83 -7.73 16.66
N GLY B 279 -16.35 -8.78 16.03
CA GLY B 279 -15.53 -9.63 15.20
C GLY B 279 -15.30 -9.04 13.84
N PHE B 280 -14.04 -8.92 13.47
CA PHE B 280 -13.62 -8.40 12.18
C PHE B 280 -13.26 -9.61 11.31
N VAL B 281 -14.03 -9.83 10.24
CA VAL B 281 -13.81 -10.99 9.38
C VAL B 281 -12.63 -10.70 8.45
N SER B 282 -11.54 -11.45 8.63
CA SER B 282 -10.31 -11.27 7.88
C SER B 282 -10.07 -12.47 6.98
N HIS B 283 -9.38 -12.25 5.87
CA HIS B 283 -9.00 -13.30 4.94
C HIS B 283 -7.50 -13.53 5.09
N GLY B 284 -7.08 -14.80 5.04
CA GLY B 284 -5.70 -15.16 5.36
C GLY B 284 -5.00 -15.86 4.22
N ARG B 285 -5.47 -15.58 3.01
CA ARG B 285 -4.91 -16.30 1.85
C ARG B 285 -3.40 -16.07 1.76
N PRO B 286 -2.63 -17.05 1.29
CA PRO B 286 -1.19 -16.82 1.10
C PRO B 286 -0.94 -15.57 0.28
N GLU B 287 0.17 -14.90 0.55
CA GLU B 287 0.59 -13.74 -0.25
C GLU B 287 1.56 -14.25 -1.33
N GLU B 288 0.97 -14.95 -2.28
CA GLU B 288 1.68 -15.70 -3.30
C GLU B 288 0.92 -15.55 -4.61
N PRO B 289 1.60 -15.72 -5.74
CA PRO B 289 0.94 -15.51 -7.03
C PRO B 289 -0.32 -16.32 -7.15
N GLY B 290 -1.43 -15.66 -7.51
CA GLY B 290 -2.67 -16.33 -7.81
C GLY B 290 -3.50 -16.78 -6.62
N ALA B 291 -3.10 -16.43 -5.39
CA ALA B 291 -3.77 -16.98 -4.22
C ALA B 291 -5.22 -16.51 -4.14
N ASP B 292 -5.57 -15.42 -4.81
CA ASP B 292 -6.93 -14.95 -4.81
C ASP B 292 -7.87 -15.83 -5.63
N ARG B 293 -7.32 -16.81 -6.36
CA ARG B 293 -8.08 -17.76 -7.16
C ARG B 293 -8.20 -19.12 -6.50
N LEU B 294 -7.55 -19.31 -5.37
CA LEU B 294 -7.69 -20.56 -4.64
C LEU B 294 -9.13 -20.69 -4.15
N LEU B 295 -9.65 -21.90 -4.16
CA LEU B 295 -10.92 -22.21 -3.52
C LEU B 295 -10.63 -22.85 -2.17
N GLY B 296 -11.30 -22.37 -1.13
CA GLY B 296 -11.17 -22.98 0.16
C GLY B 296 -11.82 -22.14 1.22
N LEU B 297 -11.43 -22.40 2.47
CA LEU B 297 -11.92 -21.64 3.62
C LEU B 297 -10.72 -20.92 4.23
N PHE B 298 -10.70 -19.59 4.11
CA PHE B 298 -9.53 -18.80 4.47
C PHE B 298 -9.83 -17.75 5.54
N LEU B 299 -10.96 -17.87 6.23
CA LEU B 299 -11.39 -16.81 7.10
C LEU B 299 -10.88 -17.01 8.53
N ASN B 300 -10.66 -15.90 9.19
CA ASN B 300 -10.39 -15.89 10.62
C ASN B 300 -11.05 -14.63 11.14
N THR B 301 -11.82 -14.76 12.21
CA THR B 301 -12.48 -13.62 12.84
C THR B 301 -11.57 -13.04 13.92
N LEU B 302 -11.28 -11.77 13.81
CA LEU B 302 -10.41 -11.09 14.73
C LEU B 302 -11.19 -10.17 15.65
N PRO B 303 -10.88 -10.18 16.94
CA PRO B 303 -11.47 -9.21 17.85
C PRO B 303 -11.02 -7.81 17.47
N CYS B 304 -11.96 -6.88 17.55
CA CYS B 304 -11.74 -5.49 17.13
C CYS B 304 -12.47 -4.58 18.11
N ARG B 305 -11.73 -3.72 18.77
CA ARG B 305 -12.31 -2.79 19.72
C ARG B 305 -12.63 -1.49 19.00
N LEU B 306 -13.87 -1.01 19.15
CA LEU B 306 -14.35 0.21 18.51
C LEU B 306 -14.92 1.12 19.59
N SER B 307 -14.22 2.20 19.89
CA SER B 307 -14.64 3.07 20.97
C SER B 307 -15.57 4.15 20.44
N ALA B 308 -16.44 4.64 21.31
CA ALA B 308 -17.35 5.72 20.94
C ALA B 308 -16.56 6.91 20.43
N SER B 309 -17.09 7.59 19.42
CA SER B 309 -16.35 8.63 18.73
C SER B 309 -17.27 9.77 18.33
N VAL B 310 -16.97 10.99 18.80
CA VAL B 310 -17.65 12.18 18.29
C VAL B 310 -17.18 12.52 16.87
N ASP B 311 -16.00 12.06 16.48
CA ASP B 311 -15.47 12.32 15.14
C ASP B 311 -15.29 10.99 14.43
N LEU B 312 -16.17 10.70 13.48
CA LEU B 312 -16.10 9.40 12.85
C LEU B 312 -14.85 9.24 11.98
N LEU B 313 -14.25 10.35 11.53
CA LEU B 313 -13.08 10.25 10.68
C LEU B 313 -11.85 9.81 11.48
N ASP B 314 -11.75 10.22 12.73
CA ASP B 314 -10.69 9.71 13.60
C ASP B 314 -10.96 8.26 13.96
N SER B 315 -12.22 7.94 14.25
CA SER B 315 -12.64 6.55 14.38
C SER B 315 -12.14 5.71 13.20
N ALA B 316 -12.36 6.19 11.98
CA ALA B 316 -11.90 5.39 10.83
C ALA B 316 -10.38 5.31 10.78
N ARG B 317 -9.70 6.34 11.27
CA ARG B 317 -8.25 6.28 11.23
C ARG B 317 -7.73 5.28 12.27
N ARG B 318 -8.38 5.20 13.45
CA ARG B 318 -8.03 4.14 14.40
C ARG B 318 -8.30 2.77 13.80
N ALA B 319 -9.40 2.63 13.08
CA ALA B 319 -9.74 1.33 12.52
C ALA B 319 -8.72 0.92 11.49
N PHE B 320 -8.28 1.89 10.67
CA PHE B 320 -7.20 1.63 9.73
C PHE B 320 -5.93 1.23 10.46
N ASP B 321 -5.55 1.97 11.51
CA ASP B 321 -4.35 1.62 12.25
C ASP B 321 -4.45 0.22 12.86
N TYR B 322 -5.64 -0.14 13.34
CA TYR B 322 -5.90 -1.47 13.85
C TYR B 322 -5.54 -2.51 12.83
N GLU B 323 -6.00 -2.33 11.59
CA GLU B 323 -5.73 -3.33 10.56
C GLU B 323 -4.24 -3.36 10.24
N ARG B 324 -3.57 -2.20 10.26
CA ARG B 324 -2.13 -2.19 10.03
C ARG B 324 -1.40 -2.99 11.10
N ALA B 325 -1.69 -2.71 12.36
CA ALA B 325 -0.94 -3.32 13.45
C ALA B 325 -1.24 -4.82 13.57
N SER B 326 -2.47 -5.25 13.24
CA SER B 326 -2.89 -6.66 13.38
C SER B 326 -2.56 -7.51 12.17
N LEU B 327 -2.14 -6.90 11.06
CA LEU B 327 -1.96 -7.63 9.82
C LEU B 327 -1.03 -8.84 9.96
N GLU B 328 0.17 -8.64 10.49
CA GLU B 328 1.08 -9.78 10.59
C GLU B 328 0.58 -10.85 11.56
N HIS B 329 -0.40 -10.56 12.40
CA HIS B 329 -0.92 -11.50 13.38
C HIS B 329 -2.31 -12.03 13.05
N ARG B 330 -2.82 -11.75 11.83
CA ARG B 330 -4.21 -12.00 11.46
C ARG B 330 -4.51 -13.47 11.23
N ARG B 331 -3.51 -14.33 11.14
CA ARG B 331 -3.76 -15.76 10.98
C ARG B 331 -3.71 -16.52 12.30
N HIS B 332 -3.38 -15.86 13.41
CA HIS B 332 -3.44 -16.46 14.73
C HIS B 332 -4.92 -16.78 14.95
N PRO B 333 -5.32 -18.05 15.03
CA PRO B 333 -6.75 -18.38 14.95
C PRO B 333 -7.51 -17.89 16.15
N LEU B 334 -8.77 -17.49 15.88
CA LEU B 334 -9.65 -17.02 16.94
C LEU B 334 -9.74 -18.00 18.09
N ALA B 335 -9.86 -19.29 17.78
CA ALA B 335 -9.88 -20.31 18.83
C ALA B 335 -8.69 -20.23 19.80
N ALA B 336 -7.50 -19.92 19.28
CA ALA B 336 -6.34 -19.77 20.15
C ALA B 336 -6.37 -18.47 20.91
N ILE B 337 -6.96 -17.42 20.32
CA ILE B 337 -7.18 -16.18 21.07
C ILE B 337 -8.13 -16.44 22.23
N ARG B 338 -9.22 -17.17 21.98
CA ARG B 338 -10.18 -17.48 23.03
C ARG B 338 -9.54 -18.36 24.13
N ARG B 339 -8.67 -19.31 23.77
CA ARG B 339 -8.07 -20.15 24.82
C ARG B 339 -7.31 -19.31 25.86
N ARG B 340 -6.68 -18.21 25.45
CA ARG B 340 -5.86 -17.43 26.37
C ARG B 340 -6.56 -16.19 26.87
N ASN B 341 -7.74 -15.87 26.32
CA ASN B 341 -8.47 -14.64 26.61
C ASN B 341 -9.92 -15.05 26.90
N ARG B 342 -10.16 -15.73 28.02
CA ARG B 342 -11.43 -16.47 28.20
C ARG B 342 -12.64 -15.57 28.42
N GLU B 343 -12.44 -14.31 28.81
CA GLU B 343 -13.51 -13.32 28.87
C GLU B 343 -13.93 -12.81 27.50
N LEU B 344 -13.16 -13.07 26.45
CA LEU B 344 -13.52 -12.56 25.13
C LEU B 344 -14.89 -13.07 24.72
N ARG B 345 -15.75 -12.17 24.29
CA ARG B 345 -17.08 -12.52 23.83
C ARG B 345 -17.41 -11.60 22.65
N LEU B 346 -17.78 -12.17 21.51
CA LEU B 346 -18.10 -11.35 20.33
C LEU B 346 -19.61 -11.39 20.08
N ASP B 347 -20.26 -10.26 20.36
CA ASP B 347 -21.69 -10.16 20.08
C ASP B 347 -22.00 -9.92 18.60
N SER B 348 -21.12 -9.23 17.87
CA SER B 348 -21.34 -8.94 16.46
C SER B 348 -20.13 -9.30 15.62
N LEU B 349 -20.40 -9.51 14.32
CA LEU B 349 -19.43 -9.71 13.26
C LEU B 349 -19.52 -8.60 12.23
N PHE B 350 -18.38 -8.22 11.68
CA PHE B 350 -18.28 -7.27 10.58
C PHE B 350 -17.63 -7.97 9.40
N ASN B 351 -18.40 -8.10 8.31
CA ASN B 351 -17.94 -8.70 7.08
C ASN B 351 -18.05 -7.68 5.97
N PHE B 352 -16.94 -7.40 5.30
CA PHE B 352 -16.90 -6.45 4.20
C PHE B 352 -16.59 -7.22 2.94
N VAL B 353 -17.52 -7.17 1.97
CA VAL B 353 -17.46 -7.95 0.74
C VAL B 353 -17.27 -6.98 -0.41
N ASP B 354 -16.22 -7.18 -1.20
CA ASP B 354 -16.02 -6.43 -2.45
C ASP B 354 -15.64 -7.38 -3.57
N PHE B 355 -16.55 -7.56 -4.53
CA PHE B 355 -16.35 -8.48 -5.63
C PHE B 355 -15.97 -9.84 -5.08
N PRO B 362 -19.17 -14.04 -20.06
CA PRO B 362 -19.32 -15.22 -20.94
C PRO B 362 -20.57 -15.11 -21.78
N ALA B 363 -20.48 -15.36 -23.09
CA ALA B 363 -21.62 -15.20 -23.98
C ALA B 363 -22.43 -16.49 -24.04
N GLY B 364 -23.75 -16.35 -23.99
CA GLY B 364 -24.66 -17.46 -24.00
C GLY B 364 -25.14 -17.85 -22.62
N VAL B 365 -24.33 -17.61 -21.60
CA VAL B 365 -24.66 -17.98 -20.22
C VAL B 365 -24.50 -16.73 -19.38
N ARG B 366 -25.60 -16.11 -19.01
CA ARG B 366 -25.58 -14.91 -18.20
C ARG B 366 -26.17 -15.24 -16.85
N HIS B 367 -25.43 -14.92 -15.79
CA HIS B 367 -25.96 -15.14 -14.45
C HIS B 367 -27.09 -14.14 -14.22
N GLY B 368 -28.28 -14.66 -13.91
CA GLY B 368 -29.48 -13.86 -13.80
C GLY B 368 -29.79 -13.35 -12.42
N GLY B 369 -29.12 -13.88 -11.40
CA GLY B 369 -29.39 -13.51 -10.03
C GLY B 369 -30.01 -14.66 -9.26
N ILE B 370 -30.24 -14.41 -7.98
CA ILE B 370 -30.60 -15.47 -7.04
C ILE B 370 -32.10 -15.65 -7.03
N LEU B 371 -32.55 -16.87 -7.30
CA LEU B 371 -33.96 -17.20 -7.21
C LEU B 371 -34.39 -17.46 -5.77
N ASP B 372 -33.63 -18.27 -5.03
CA ASP B 372 -33.99 -18.68 -3.67
C ASP B 372 -32.71 -19.09 -2.94
N GLN B 373 -32.80 -19.21 -1.61
CA GLN B 373 -31.65 -19.58 -0.79
C GLN B 373 -32.10 -19.86 0.64
N VAL B 374 -31.18 -20.37 1.44
CA VAL B 374 -31.37 -20.50 2.87
C VAL B 374 -30.68 -19.33 3.54
N VAL B 375 -31.15 -19.00 4.73
CA VAL B 375 -30.43 -18.07 5.61
C VAL B 375 -29.59 -18.97 6.52
N VAL B 376 -28.28 -18.92 6.34
CA VAL B 376 -27.42 -19.92 6.97
C VAL B 376 -27.32 -19.60 8.45
N ASP B 377 -27.85 -20.49 9.27
CA ASP B 377 -27.86 -20.29 10.71
C ASP B 377 -26.42 -20.40 11.22
N VAL B 378 -25.84 -19.25 11.54
CA VAL B 378 -24.54 -19.16 12.17
C VAL B 378 -24.70 -18.92 13.68
N ASP B 379 -23.56 -18.83 14.39
CA ASP B 379 -23.55 -18.92 15.83
C ASP B 379 -23.50 -17.58 16.55
N VAL B 380 -23.04 -16.54 15.87
CA VAL B 380 -22.93 -15.23 16.48
C VAL B 380 -24.32 -14.61 16.52
N PRO B 381 -24.65 -13.80 17.52
CA PRO B 381 -25.97 -13.14 17.53
C PRO B 381 -26.24 -12.19 16.37
N LEU B 382 -25.22 -11.50 15.87
CA LEU B 382 -25.42 -10.42 14.89
C LEU B 382 -24.30 -10.52 13.87
N ALA B 383 -24.67 -10.83 12.63
CA ALA B 383 -23.74 -10.88 11.52
C ALA B 383 -24.08 -9.73 10.57
N VAL B 384 -23.21 -8.72 10.53
CA VAL B 384 -23.41 -7.54 9.70
C VAL B 384 -22.58 -7.68 8.42
N ASP B 385 -23.27 -7.57 7.28
CA ASP B 385 -22.65 -7.60 5.96
C ASP B 385 -22.65 -6.21 5.34
N PHE B 386 -21.47 -5.76 4.93
CA PHE B 386 -21.28 -4.60 4.09
C PHE B 386 -20.78 -5.11 2.74
N GLU B 387 -21.57 -4.93 1.69
CA GLU B 387 -21.21 -5.42 0.37
C GLU B 387 -21.21 -4.30 -0.67
N VAL B 388 -20.20 -4.31 -1.52
CA VAL B 388 -20.15 -3.46 -2.69
C VAL B 388 -20.63 -4.30 -3.87
N ALA B 389 -21.92 -4.16 -4.22
CA ALA B 389 -22.51 -4.88 -5.34
C ALA B 389 -22.71 -3.90 -6.51
N GLY B 390 -21.97 -4.13 -7.59
CA GLY B 390 -22.08 -3.24 -8.72
C GLY B 390 -21.71 -1.82 -8.33
N GLU B 391 -22.66 -0.90 -8.48
CA GLU B 391 -22.41 0.51 -8.17
C GLU B 391 -23.21 0.97 -6.96
N ARG B 392 -23.65 0.04 -6.10
CA ARG B 392 -24.37 0.38 -4.87
C ARG B 392 -23.75 -0.29 -3.65
N LEU B 393 -23.93 0.33 -2.49
CA LEU B 393 -23.50 -0.28 -1.23
C LEU B 393 -24.71 -0.89 -0.54
N GLU B 394 -24.62 -2.18 -0.24
CA GLU B 394 -25.70 -2.89 0.45
C GLU B 394 -25.24 -3.27 1.86
N VAL B 395 -26.01 -2.85 2.84
CA VAL B 395 -25.75 -3.12 4.23
C VAL B 395 -26.95 -3.85 4.80
N GLY B 396 -26.69 -4.99 5.45
CA GLY B 396 -27.73 -5.71 6.16
C GLY B 396 -27.08 -6.69 7.12
N PHE B 397 -27.93 -7.29 7.95
CA PHE B 397 -27.45 -8.18 8.99
C PHE B 397 -28.46 -9.28 9.26
N GLN B 398 -27.95 -10.46 9.60
CA GLN B 398 -28.76 -11.59 10.02
C GLN B 398 -28.67 -11.64 11.52
N TYR B 399 -29.75 -11.89 12.20
CA TYR B 399 -29.71 -11.99 13.61
C TYR B 399 -30.41 -13.26 14.00
N ALA B 400 -30.08 -13.78 15.16
CA ALA B 400 -30.63 -15.03 15.58
C ALA B 400 -32.17 -15.12 15.70
N ALA B 401 -32.74 -14.20 16.50
CA ALA B 401 -34.18 -14.07 16.90
C ALA B 401 -34.61 -15.12 17.91
N ARG B 408 -37.05 -4.01 17.04
CA ARG B 408 -35.82 -4.16 17.82
C ARG B 408 -34.65 -4.13 16.86
N ALA B 409 -34.66 -5.04 15.91
CA ALA B 409 -33.74 -5.03 14.84
C ALA B 409 -33.93 -3.73 14.05
N GLU B 410 -35.17 -3.32 13.77
CA GLU B 410 -35.47 -2.07 13.14
C GLU B 410 -34.71 -0.88 13.69
N ALA B 411 -34.65 -0.73 14.99
CA ALA B 411 -33.93 0.37 15.56
C ALA B 411 -32.43 0.28 15.28
N LEU B 412 -31.90 -0.92 15.12
CA LEU B 412 -30.49 -1.07 14.83
C LEU B 412 -30.20 -0.73 13.38
N ALA B 413 -30.97 -1.29 12.45
CA ALA B 413 -30.87 -0.87 11.06
C ALA B 413 -30.98 0.66 10.94
N GLY B 414 -31.85 1.29 11.71
CA GLY B 414 -31.94 2.73 11.68
C GLY B 414 -30.63 3.40 12.08
N ALA B 415 -29.95 2.84 13.08
CA ALA B 415 -28.66 3.43 13.49
C ALA B 415 -27.60 3.23 12.40
N TYR B 416 -27.69 2.14 11.64
CA TYR B 416 -26.74 1.97 10.53
C TYR B 416 -26.95 3.03 9.45
N ARG B 417 -28.21 3.45 9.20
CA ARG B 417 -28.44 4.52 8.24
C ARG B 417 -27.92 5.85 8.77
N GLU B 418 -28.23 6.16 10.01
CA GLU B 418 -27.72 7.42 10.56
C GLU B 418 -26.20 7.43 10.63
N ALA B 419 -25.60 6.28 10.97
CA ALA B 419 -24.14 6.24 11.07
C ALA B 419 -23.51 6.50 9.71
N LEU B 420 -24.12 5.97 8.64
CA LEU B 420 -23.56 6.15 7.30
C LEU B 420 -23.68 7.61 6.88
N LEU B 421 -24.77 8.28 7.28
CA LEU B 421 -24.91 9.68 6.91
C LEU B 421 -23.98 10.56 7.76
N ALA B 422 -23.76 10.19 9.03
CA ALA B 422 -22.83 10.97 9.84
C ALA B 422 -21.41 10.87 9.29
N LEU B 423 -21.00 9.66 8.94
CA LEU B 423 -19.68 9.46 8.36
C LEU B 423 -19.44 10.38 7.18
N LEU B 424 -20.42 10.48 6.30
CA LEU B 424 -20.29 11.27 5.09
C LEU B 424 -20.51 12.76 5.33
N GLY B 425 -21.16 13.15 6.41
CA GLY B 425 -21.34 14.55 6.75
C GLY B 425 -20.51 15.08 7.90
N ASP B 426 -19.46 15.82 7.57
CA ASP B 426 -18.47 16.30 8.56
C ASP B 426 -19.11 16.91 9.81
#